data_9QU1
#
_entry.id   9QU1
#
_cell.length_a   163.564
_cell.length_b   63.430
_cell.length_c   104.163
_cell.angle_alpha   90.000
_cell.angle_beta   91.263
_cell.angle_gamma   90.000
#
_symmetry.space_group_name_H-M   'C 1 2 1'
#
loop_
_entity.id
_entity.type
_entity.pdbx_description
1 polymer 'Ral GTPase-activating protein subunit alpha-2'
2 polymer 'NF-kappa-B inhibitor-interacting Ras-like protein 1'
3 non-polymer 'PHOSPHOAMINOPHOSPHONIC ACID-GUANYLATE ESTER'
4 non-polymer 'MAGNESIUM ION'
5 water water
#
loop_
_entity_poly.entity_id
_entity_poly.type
_entity_poly.pdbx_seq_one_letter_code
_entity_poly.pdbx_strand_id
1 'polypeptide(L)'
;FSRRSHGDVKKSTQKVLDPKKDVLTRLKHLRALLDNVDANDLKQFFETNYSQIYFIFYENFIALENSLKLKGNNKSQREE
LDSILFLFEKILQFLPERIFFRWHYQSIGSTLKKLLHTGNSIKIRCEGIRLFLLWLQALQTNCAEEQVLIFACLVPGFPA
VMSSRGPCTLETLINPSPSVADVKIYPEEITPLLPAISGEKIAEDQTCFFLQILLKYMVIQAASLEWKNKENQDTGFKFL
FTLFRKYYLPHLFP
;
A,B
2 'polypeptide(L)'
;GPLGSGKGCKVVVCGLLSVGKTAILEQLLYGNHTIGMEDCETMEDVYMASVETDRGVKEQLHLYDTRGLQEGVELPKHYF
SFADGFVLVYSVNNLESFQRVELLKKEIDKFKDKKEVAIVVLGNKIDLSEQRQVDAEVAQQWAKSEKVRLWEVTVTDRKT
LIEPFTLLASKLSQPQSKS
;
C,F
#
# COMPACT_ATOMS: atom_id res chain seq x y z
N HIS A 6 19.26 25.70 25.14
CA HIS A 6 18.37 24.70 25.69
C HIS A 6 17.03 25.31 26.11
N GLY A 7 16.96 26.64 26.06
CA GLY A 7 15.75 27.32 26.51
C GLY A 7 14.55 27.05 25.64
N ASP A 8 14.74 27.00 24.32
CA ASP A 8 13.59 26.95 23.41
C ASP A 8 12.70 25.75 23.68
N VAL A 9 13.27 24.55 23.71
CA VAL A 9 12.46 23.35 23.90
C VAL A 9 11.93 23.27 25.33
N LYS A 10 12.81 23.52 26.30
CA LYS A 10 12.37 23.51 27.70
C LYS A 10 11.22 24.48 27.92
N LYS A 11 11.41 25.74 27.51
CA LYS A 11 10.39 26.74 27.75
C LYS A 11 9.11 26.43 26.98
N SER A 12 9.23 26.02 25.72
CA SER A 12 8.05 25.70 24.94
C SER A 12 7.32 24.49 25.52
N THR A 13 8.06 23.46 25.91
CA THR A 13 7.43 22.25 26.43
C THR A 13 6.66 22.55 27.72
N GLN A 14 7.23 23.37 28.60
CA GLN A 14 6.55 23.67 29.85
C GLN A 14 5.22 24.36 29.59
N LYS A 15 5.18 25.30 28.65
CA LYS A 15 3.94 26.01 28.36
C LYS A 15 2.89 25.09 27.77
N VAL A 16 3.28 24.19 26.87
CA VAL A 16 2.33 23.24 26.31
C VAL A 16 1.69 22.43 27.44
N LEU A 17 2.49 22.01 28.42
CA LEU A 17 1.99 21.20 29.53
C LEU A 17 1.22 22.03 30.55
N ASP A 18 1.35 23.35 30.53
CA ASP A 18 0.69 24.19 31.53
C ASP A 18 -0.80 24.28 31.26
N PRO A 19 -1.67 23.81 32.16
CA PRO A 19 -3.11 23.91 31.88
C PRO A 19 -3.66 25.32 31.97
N LYS A 20 -3.06 26.19 32.79
CA LYS A 20 -3.57 27.54 32.95
C LYS A 20 -3.40 28.35 31.67
N LYS A 21 -2.29 28.14 30.96
CA LYS A 21 -2.02 28.90 29.76
C LYS A 21 -3.17 28.82 28.77
N ASP A 22 -3.32 29.87 27.97
CA ASP A 22 -4.35 29.88 26.93
C ASP A 22 -4.12 28.71 25.98
N VAL A 23 -5.21 28.06 25.59
CA VAL A 23 -5.08 26.97 24.62
C VAL A 23 -4.52 27.50 23.31
N LEU A 24 -4.83 28.75 22.97
CA LEU A 24 -4.20 29.34 21.79
C LEU A 24 -2.70 29.49 21.99
N THR A 25 -2.28 29.96 23.17
CA THR A 25 -0.85 30.07 23.44
C THR A 25 -0.17 28.72 23.45
N ARG A 26 -0.83 27.72 24.04
CA ARG A 26 -0.25 26.38 24.09
C ARG A 26 -0.06 25.81 22.69
N LEU A 27 -1.02 26.05 21.79
CA LEU A 27 -0.89 25.56 20.43
C LEU A 27 0.32 26.16 19.73
N LYS A 28 0.53 27.47 19.91
CA LYS A 28 1.66 28.15 19.28
C LYS A 28 2.96 27.42 19.59
N HIS A 29 3.17 27.04 20.86
CA HIS A 29 4.39 26.36 21.25
C HIS A 29 4.35 24.87 20.94
N LEU A 30 3.15 24.27 20.95
CA LEU A 30 3.04 22.88 20.52
C LEU A 30 3.47 22.72 19.06
N ARG A 31 3.06 23.66 18.21
CA ARG A 31 3.50 23.64 16.82
C ARG A 31 5.01 23.83 16.73
N ALA A 32 5.56 24.70 17.58
CA ALA A 32 7.01 24.87 17.60
C ALA A 32 7.72 23.55 17.87
N LEU A 33 7.19 22.76 18.81
CA LEU A 33 7.79 21.46 19.10
C LEU A 33 7.75 20.55 17.89
N LEU A 34 6.64 20.54 17.15
CA LEU A 34 6.51 19.63 16.01
C LEU A 34 7.57 19.89 14.96
N ASP A 35 8.02 21.14 14.82
CA ASP A 35 8.95 21.48 13.75
C ASP A 35 10.40 21.19 14.12
N ASN A 36 10.74 21.22 15.40
CA ASN A 36 12.13 21.17 15.84
C ASN A 36 12.52 19.87 16.51
N VAL A 37 11.57 18.98 16.81
CA VAL A 37 11.82 17.80 17.62
C VAL A 37 11.77 16.57 16.72
N ASP A 38 12.71 15.65 16.96
CA ASP A 38 12.80 14.43 16.15
C ASP A 38 11.56 13.57 16.34
N ALA A 39 11.25 12.79 15.30
CA ALA A 39 10.00 12.03 15.29
C ALA A 39 9.92 11.06 16.46
N ASN A 40 11.01 10.33 16.72
CA ASN A 40 10.99 9.39 17.84
C ASN A 40 10.79 10.13 19.16
N ASP A 41 11.38 11.32 19.30
CA ASP A 41 11.14 12.13 20.49
C ASP A 41 9.69 12.57 20.57
N LEU A 42 9.12 13.03 19.46
CA LEU A 42 7.73 13.49 19.48
C LEU A 42 6.77 12.34 19.78
N LYS A 43 7.02 11.16 19.24
CA LYS A 43 6.13 10.02 19.48
C LYS A 43 6.00 9.75 20.98
N GLN A 44 7.13 9.71 21.69
CA GLN A 44 7.08 9.49 23.13
C GLN A 44 6.41 10.67 23.84
N PHE A 45 6.63 11.88 23.35
CA PHE A 45 5.92 13.03 23.90
C PHE A 45 4.42 12.89 23.68
N PHE A 46 4.02 12.49 22.48
CA PHE A 46 2.59 12.29 22.19
C PHE A 46 2.01 11.17 23.04
N GLU A 47 2.75 10.07 23.19
CA GLU A 47 2.25 8.94 23.98
C GLU A 47 2.01 9.35 25.43
N THR A 48 2.91 10.19 25.97
CA THR A 48 2.80 10.58 27.37
C THR A 48 1.71 11.61 27.61
N ASN A 49 1.53 12.54 26.68
CA ASN A 49 0.64 13.68 26.85
C ASN A 49 -0.47 13.69 25.81
N TYR A 50 -1.04 12.52 25.53
CA TYR A 50 -2.10 12.44 24.52
C TYR A 50 -3.32 13.25 24.94
N SER A 51 -3.72 13.15 26.21
CA SER A 51 -4.98 13.75 26.64
C SER A 51 -4.99 15.25 26.39
N GLN A 52 -3.93 15.96 26.83
CA GLN A 52 -3.90 17.40 26.69
C GLN A 52 -3.58 17.85 25.28
N ILE A 53 -2.77 17.09 24.54
CA ILE A 53 -2.46 17.49 23.17
C ILE A 53 -3.73 17.49 22.32
N TYR A 54 -4.60 16.49 22.50
CA TYR A 54 -5.87 16.52 21.78
C TYR A 54 -6.75 17.67 22.25
N PHE A 55 -6.71 18.00 23.55
CA PHE A 55 -7.45 19.14 24.05
C PHE A 55 -6.99 20.43 23.35
N ILE A 56 -5.68 20.58 23.17
CA ILE A 56 -5.15 21.77 22.48
C ILE A 56 -5.65 21.80 21.04
N PHE A 57 -5.59 20.66 20.36
CA PHE A 57 -6.06 20.61 18.98
C PHE A 57 -7.55 20.92 18.90
N TYR A 58 -8.36 20.23 19.69
CA TYR A 58 -9.80 20.32 19.50
C TYR A 58 -10.32 21.71 19.83
N GLU A 59 -9.93 22.24 20.98
CA GLU A 59 -10.40 23.57 21.35
C GLU A 59 -9.97 24.61 20.31
N ASN A 60 -8.75 24.50 19.80
CA ASN A 60 -8.28 25.45 18.79
C ASN A 60 -9.00 25.24 17.47
N PHE A 61 -9.24 23.99 17.08
CA PHE A 61 -9.98 23.74 15.85
C PHE A 61 -11.38 24.35 15.93
N ILE A 62 -12.12 24.02 17.00
CA ILE A 62 -13.43 24.62 17.19
C ILE A 62 -13.32 26.13 17.19
N ALA A 63 -12.25 26.66 17.80
CA ALA A 63 -12.05 28.10 17.82
C ALA A 63 -11.95 28.66 16.41
N LEU A 64 -11.18 27.99 15.55
CA LEU A 64 -11.03 28.49 14.19
C LEU A 64 -12.32 28.36 13.40
N GLU A 65 -13.09 27.29 13.64
CA GLU A 65 -14.33 27.10 12.90
C GLU A 65 -15.24 28.31 13.07
N ASN A 66 -15.45 28.75 14.32
CA ASN A 66 -16.30 29.91 14.56
C ASN A 66 -15.69 31.16 13.95
N SER A 67 -14.36 31.28 13.99
CA SER A 67 -13.70 32.43 13.37
C SER A 67 -13.97 32.47 11.87
N LEU A 68 -13.87 31.31 11.20
CA LEU A 68 -14.15 31.25 9.77
C LEU A 68 -15.59 31.65 9.47
N LYS A 69 -16.50 31.36 10.40
CA LYS A 69 -17.90 31.72 10.24
C LYS A 69 -18.18 33.15 10.69
N LEU A 70 -17.16 33.89 11.12
CA LEU A 70 -17.32 35.29 11.52
C LEU A 70 -16.54 36.21 10.59
N LYS A 71 -15.21 36.15 10.60
CA LYS A 71 -14.39 36.94 9.69
C LYS A 71 -14.44 36.43 8.24
N GLY A 72 -15.06 35.28 8.01
CA GLY A 72 -14.99 34.68 6.70
C GLY A 72 -13.63 34.04 6.45
N ASN A 73 -13.45 33.62 5.21
CA ASN A 73 -12.22 32.94 4.79
C ASN A 73 -11.19 33.96 4.34
N ASN A 74 -10.07 34.03 5.03
CA ASN A 74 -8.97 34.91 4.69
C ASN A 74 -7.70 34.08 4.48
N LYS A 75 -6.67 34.75 3.98
CA LYS A 75 -5.35 34.12 3.88
C LYS A 75 -4.88 33.67 5.26
N SER A 76 -4.96 34.58 6.24
CA SER A 76 -4.46 34.25 7.57
C SER A 76 -5.21 33.05 8.15
N GLN A 77 -6.52 32.97 7.92
CA GLN A 77 -7.29 31.84 8.42
C GLN A 77 -6.77 30.53 7.85
N ARG A 78 -6.49 30.50 6.55
CA ARG A 78 -6.02 29.28 5.92
C ARG A 78 -4.67 28.84 6.48
N GLU A 79 -3.79 29.80 6.78
CA GLU A 79 -2.55 29.46 7.47
C GLU A 79 -2.85 28.71 8.76
N GLU A 80 -3.71 29.28 9.61
CA GLU A 80 -4.04 28.62 10.87
C GLU A 80 -4.67 27.26 10.62
N LEU A 81 -5.62 27.20 9.68
CA LEU A 81 -6.29 25.93 9.41
C LEU A 81 -5.28 24.87 8.95
N ASP A 82 -4.37 25.24 8.05
CA ASP A 82 -3.39 24.26 7.59
C ASP A 82 -2.50 23.79 8.74
N SER A 83 -2.23 24.67 9.70
CA SER A 83 -1.44 24.26 10.86
C SER A 83 -2.19 23.26 11.72
N ILE A 84 -3.49 23.53 11.97
CA ILE A 84 -4.27 22.64 12.83
C ILE A 84 -4.29 21.23 12.25
N LEU A 85 -4.52 21.12 10.94
CA LEU A 85 -4.59 19.81 10.33
C LEU A 85 -3.24 19.10 10.39
N PHE A 86 -2.13 19.84 10.32
CA PHE A 86 -0.82 19.23 10.49
C PHE A 86 -0.71 18.60 11.88
N LEU A 87 -1.13 19.32 12.91
CA LEU A 87 -1.21 18.72 14.24
C LEU A 87 -2.19 17.55 14.23
N PHE A 88 -3.33 17.71 13.57
CA PHE A 88 -4.32 16.64 13.49
C PHE A 88 -3.68 15.40 12.90
N GLU A 89 -2.94 15.56 11.80
CA GLU A 89 -2.28 14.42 11.19
C GLU A 89 -1.30 13.77 12.15
N LYS A 90 -0.50 14.59 12.84
CA LYS A 90 0.47 14.03 13.78
C LYS A 90 -0.21 13.26 14.90
N ILE A 91 -1.42 13.69 15.29
CA ILE A 91 -2.19 12.90 16.25
C ILE A 91 -2.57 11.55 15.65
N LEU A 92 -3.02 11.54 14.40
CA LEU A 92 -3.41 10.30 13.75
C LEU A 92 -2.22 9.37 13.53
N GLN A 93 -1.02 9.93 13.39
CA GLN A 93 0.17 9.11 13.17
C GLN A 93 0.70 8.51 14.46
N PHE A 94 0.82 9.34 15.51
CA PHE A 94 1.54 8.95 16.71
C PHE A 94 0.69 8.17 17.72
N LEU A 95 -0.63 8.16 17.57
CA LEU A 95 -1.52 7.49 18.53
C LEU A 95 -2.51 6.58 17.81
N PRO A 96 -2.00 5.58 17.07
CA PRO A 96 -2.94 4.65 16.44
C PRO A 96 -3.56 3.66 17.40
N GLU A 97 -2.79 3.19 18.40
CA GLU A 97 -3.34 2.20 19.32
C GLU A 97 -4.49 2.78 20.12
N ARG A 98 -4.36 4.02 20.60
CA ARG A 98 -5.45 4.65 21.32
C ARG A 98 -6.61 4.97 20.37
N ILE A 99 -6.31 5.50 19.19
CA ILE A 99 -7.35 5.74 18.20
C ILE A 99 -8.06 4.44 17.87
N PHE A 100 -7.31 3.36 17.74
CA PHE A 100 -7.91 2.06 17.48
C PHE A 100 -8.97 1.74 18.53
N PHE A 101 -8.72 2.11 19.78
CA PHE A 101 -9.65 1.86 20.87
C PHE A 101 -10.71 2.95 21.01
N ARG A 102 -10.97 3.71 19.94
CA ARG A 102 -12.01 4.73 19.91
C ARG A 102 -11.72 5.87 20.87
N TRP A 103 -10.45 6.16 21.08
CA TRP A 103 -10.07 7.41 21.75
C TRP A 103 -10.46 8.59 20.88
N HIS A 104 -11.36 9.43 21.40
CA HIS A 104 -11.93 10.55 20.64
C HIS A 104 -12.51 10.06 19.31
N TYR A 105 -13.28 8.97 19.40
CA TYR A 105 -13.97 8.45 18.23
C TYR A 105 -14.96 9.47 17.66
N GLN A 106 -15.71 10.14 18.54
CA GLN A 106 -16.75 11.06 18.09
C GLN A 106 -16.17 12.39 17.64
N SER A 107 -15.27 12.98 18.44
CA SER A 107 -14.72 14.28 18.08
C SER A 107 -13.92 14.20 16.78
N ILE A 108 -13.10 13.15 16.63
CA ILE A 108 -12.39 12.97 15.38
C ILE A 108 -13.37 12.73 14.24
N GLY A 109 -14.38 11.90 14.47
CA GLY A 109 -15.36 11.65 13.43
C GLY A 109 -16.03 12.93 12.95
N SER A 110 -16.55 13.71 13.88
CA SER A 110 -17.22 14.95 13.50
C SER A 110 -16.24 15.90 12.83
N THR A 111 -15.01 15.98 13.35
CA THR A 111 -14.03 16.88 12.76
C THR A 111 -13.78 16.50 11.31
N LEU A 112 -13.66 15.20 11.01
CA LEU A 112 -13.45 14.77 9.64
C LEU A 112 -14.67 15.03 8.78
N LYS A 113 -15.87 14.87 9.35
CA LYS A 113 -17.08 15.13 8.58
C LYS A 113 -17.18 16.60 8.16
N LYS A 114 -16.59 17.50 8.95
CA LYS A 114 -16.59 18.92 8.59
C LYS A 114 -15.69 19.20 7.40
N LEU A 115 -14.70 18.34 7.15
CA LEU A 115 -13.84 18.47 5.99
C LEU A 115 -14.42 17.74 4.78
N LEU A 116 -15.07 16.60 5.02
CA LEU A 116 -15.63 15.77 3.96
C LEU A 116 -16.94 16.32 3.40
N HIS A 117 -17.53 17.33 4.03
CA HIS A 117 -18.80 17.87 3.57
C HIS A 117 -18.68 18.32 2.12
N THR A 118 -19.68 17.96 1.31
CA THR A 118 -19.62 18.22 -0.12
C THR A 118 -19.72 19.69 -0.47
N GLY A 119 -20.11 20.55 0.47
CA GLY A 119 -20.12 21.98 0.24
C GLY A 119 -18.76 22.64 0.33
N ASN A 120 -17.78 21.93 0.87
CA ASN A 120 -16.45 22.49 1.01
C ASN A 120 -15.75 22.63 -0.35
N SER A 121 -14.78 23.54 -0.39
CA SER A 121 -13.90 23.65 -1.54
C SER A 121 -13.25 22.30 -1.78
N ILE A 122 -12.82 22.07 -3.02
CA ILE A 122 -12.27 20.75 -3.36
C ILE A 122 -11.04 20.44 -2.52
N LYS A 123 -10.15 21.43 -2.36
CA LYS A 123 -8.94 21.21 -1.58
C LYS A 123 -9.26 20.64 -0.20
N ILE A 124 -10.20 21.26 0.51
CA ILE A 124 -10.56 20.79 1.84
C ILE A 124 -11.17 19.40 1.77
N ARG A 125 -12.03 19.15 0.77
CA ARG A 125 -12.64 17.83 0.65
C ARG A 125 -11.56 16.76 0.43
N CYS A 126 -10.57 17.05 -0.41
CA CYS A 126 -9.47 16.12 -0.58
C CYS A 126 -8.69 15.94 0.72
N GLU A 127 -8.50 17.03 1.46
CA GLU A 127 -7.84 16.92 2.76
C GLU A 127 -8.63 16.01 3.69
N GLY A 128 -9.95 16.16 3.72
CA GLY A 128 -10.76 15.28 4.54
C GLY A 128 -10.60 13.82 4.17
N ILE A 129 -10.59 13.52 2.86
CA ILE A 129 -10.39 12.15 2.42
C ILE A 129 -9.03 11.64 2.90
N ARG A 130 -7.99 12.48 2.77
CA ARG A 130 -6.65 12.05 3.15
C ARG A 130 -6.58 11.71 4.62
N LEU A 131 -7.17 12.55 5.47
CA LEU A 131 -7.10 12.32 6.91
C LEU A 131 -8.02 11.18 7.33
N PHE A 132 -9.18 11.05 6.69
CA PHE A 132 -10.10 9.96 7.01
C PHE A 132 -9.42 8.62 6.83
N LEU A 133 -8.72 8.43 5.70
CA LEU A 133 -8.07 7.14 5.45
C LEU A 133 -7.03 6.83 6.53
N LEU A 134 -6.35 7.86 7.03
CA LEU A 134 -5.42 7.66 8.15
C LEU A 134 -6.18 7.23 9.40
N TRP A 135 -7.31 7.86 9.68
CA TRP A 135 -8.11 7.50 10.84
C TRP A 135 -8.58 6.05 10.75
N LEU A 136 -9.07 5.65 9.57
CA LEU A 136 -9.61 4.31 9.40
C LEU A 136 -8.51 3.25 9.42
N GLN A 137 -7.32 3.58 8.90
CA GLN A 137 -6.20 2.65 8.96
C GLN A 137 -5.80 2.36 10.41
N ALA A 138 -5.99 3.33 11.30
CA ALA A 138 -5.72 3.08 12.72
C ALA A 138 -6.92 2.45 13.41
N LEU A 139 -8.12 2.87 13.03
CA LEU A 139 -9.32 2.31 13.64
C LEU A 139 -9.52 0.86 13.20
N GLN A 140 -9.25 0.56 11.92
CA GLN A 140 -9.29 -0.81 11.42
C GLN A 140 -10.62 -1.48 11.72
N THR A 141 -10.56 -2.76 12.10
CA THR A 141 -11.78 -3.53 12.35
C THR A 141 -12.61 -2.91 13.46
N ASN A 142 -11.96 -2.23 14.40
CA ASN A 142 -12.68 -1.63 15.52
C ASN A 142 -13.60 -0.50 15.09
N CYS A 143 -13.61 -0.14 13.81
CA CYS A 143 -14.53 0.89 13.34
C CYS A 143 -15.97 0.40 13.43
N ALA A 144 -16.88 1.37 13.53
CA ALA A 144 -18.30 1.05 13.47
C ALA A 144 -18.73 0.91 12.02
N GLU A 145 -20.02 0.62 11.82
CA GLU A 145 -20.56 0.49 10.47
C GLU A 145 -20.40 1.79 9.69
N GLU A 146 -20.69 2.93 10.33
CA GLU A 146 -20.74 4.20 9.60
C GLU A 146 -19.46 4.46 8.82
N GLN A 147 -18.30 4.25 9.46
CA GLN A 147 -17.03 4.55 8.79
C GLN A 147 -16.90 3.78 7.48
N VAL A 148 -17.44 2.56 7.41
CA VAL A 148 -17.42 1.82 6.16
C VAL A 148 -18.26 2.53 5.11
N LEU A 149 -19.45 3.00 5.50
CA LEU A 149 -20.33 3.66 4.53
C LEU A 149 -19.72 4.93 3.99
N ILE A 150 -19.05 5.70 4.86
CA ILE A 150 -18.34 6.89 4.39
C ILE A 150 -17.25 6.48 3.40
N PHE A 151 -16.52 5.41 3.71
CA PHE A 151 -15.50 4.95 2.76
C PHE A 151 -16.11 4.58 1.42
N ALA A 152 -17.27 3.91 1.44
CA ALA A 152 -17.94 3.52 0.21
C ALA A 152 -18.61 4.70 -0.48
N CYS A 153 -18.72 5.84 0.18
CA CYS A 153 -19.35 7.03 -0.41
C CYS A 153 -18.37 8.17 -0.64
N LEU A 154 -17.07 7.96 -0.40
CA LEU A 154 -16.11 9.03 -0.63
C LEU A 154 -16.14 9.53 -2.07
N VAL A 155 -16.53 8.67 -3.01
CA VAL A 155 -16.52 8.98 -4.43
C VAL A 155 -17.97 9.16 -4.89
N PRO A 156 -18.36 10.35 -5.36
CA PRO A 156 -19.74 10.52 -5.83
C PRO A 156 -19.97 9.83 -7.16
N GLY A 157 -21.24 9.46 -7.38
CA GLY A 157 -21.66 8.87 -8.63
C GLY A 157 -21.74 7.36 -8.62
N PHE A 158 -21.10 6.71 -7.67
CA PHE A 158 -21.17 5.27 -7.57
C PHE A 158 -22.56 4.82 -7.12
N PRO A 159 -22.92 3.57 -7.38
CA PRO A 159 -24.26 3.11 -7.01
C PRO A 159 -24.52 3.35 -5.53
N ALA A 160 -25.70 3.86 -5.22
CA ALA A 160 -26.01 4.26 -3.85
C ALA A 160 -25.74 3.11 -2.90
N VAL A 161 -25.04 3.42 -1.81
CA VAL A 161 -24.64 2.40 -0.85
C VAL A 161 -25.85 1.90 -0.08
N MET A 162 -25.77 0.66 0.37
CA MET A 162 -26.81 0.03 1.18
C MET A 162 -26.29 -0.16 2.60
N SER A 163 -27.05 0.33 3.57
CA SER A 163 -26.74 0.19 4.99
C SER A 163 -27.82 -0.63 5.68
N SER A 164 -27.62 -0.87 6.98
CA SER A 164 -28.60 -1.65 7.74
C SER A 164 -29.96 -0.97 7.75
N ARG A 165 -29.98 0.34 8.00
CA ARG A 165 -31.26 1.06 8.01
C ARG A 165 -31.83 1.17 6.59
N GLY A 166 -30.96 1.37 5.60
CA GLY A 166 -31.40 1.50 4.23
C GLY A 166 -30.35 2.14 3.35
N PRO A 167 -30.75 2.58 2.15
CA PRO A 167 -29.79 3.26 1.27
C PRO A 167 -29.32 4.57 1.88
N CYS A 168 -28.08 4.93 1.57
CA CYS A 168 -27.48 6.13 2.13
C CYS A 168 -26.48 6.71 1.15
N THR A 169 -26.14 7.98 1.37
CA THR A 169 -25.14 8.69 0.60
C THR A 169 -24.20 9.38 1.57
N LEU A 170 -23.06 9.86 1.06
CA LEU A 170 -22.14 10.62 1.90
C LEU A 170 -22.85 11.81 2.55
N GLU A 171 -23.73 12.48 1.79
CA GLU A 171 -24.43 13.63 2.33
C GLU A 171 -25.48 13.24 3.37
N THR A 172 -26.06 12.05 3.24
CA THR A 172 -26.99 11.56 4.26
C THR A 172 -26.26 11.16 5.53
N LEU A 173 -25.06 10.61 5.40
CA LEU A 173 -24.31 10.15 6.57
C LEU A 173 -23.79 11.31 7.41
N ILE A 174 -23.53 12.46 6.78
CA ILE A 174 -23.02 13.61 7.50
C ILE A 174 -24.14 14.43 8.11
N ASN A 175 -25.24 14.61 7.37
CA ASN A 175 -26.37 15.43 7.81
C ASN A 175 -27.67 14.67 7.61
N PRO A 176 -28.04 13.81 8.58
CA PRO A 176 -29.37 13.19 8.60
C PRO A 176 -30.50 14.21 8.52
N VAL A 183 -36.41 19.12 20.03
CA VAL A 183 -36.82 20.49 19.73
C VAL A 183 -35.95 21.47 20.50
N LYS A 184 -35.70 21.18 21.77
CA LYS A 184 -35.00 22.11 22.64
C LYS A 184 -33.48 21.90 22.62
N ILE A 185 -33.02 20.70 22.95
CA ILE A 185 -31.60 20.37 22.96
C ILE A 185 -31.30 19.57 21.70
N TYR A 186 -30.27 19.98 20.98
CA TYR A 186 -29.88 19.34 19.73
C TYR A 186 -28.37 19.29 19.65
N PRO A 187 -27.81 18.23 19.07
CA PRO A 187 -26.35 18.18 18.89
C PRO A 187 -25.88 19.10 17.78
N GLU A 188 -24.58 19.37 17.79
CA GLU A 188 -23.97 20.20 16.77
C GLU A 188 -24.27 19.65 15.38
N GLU A 189 -24.72 20.53 14.49
CA GLU A 189 -24.95 20.17 13.09
C GLU A 189 -23.69 20.42 12.28
N ILE A 190 -23.28 19.42 11.51
CA ILE A 190 -22.07 19.55 10.69
C ILE A 190 -22.31 20.58 9.59
N THR A 191 -21.36 21.48 9.40
CA THR A 191 -21.40 22.51 8.36
C THR A 191 -20.05 22.62 7.69
N PRO A 192 -20.02 22.97 6.40
CA PRO A 192 -18.74 23.04 5.69
C PRO A 192 -17.76 24.00 6.35
N LEU A 193 -16.51 23.56 6.47
CA LEU A 193 -15.47 24.40 7.07
C LEU A 193 -15.12 25.57 6.16
N LEU A 194 -14.86 25.29 4.88
CA LEU A 194 -14.50 26.31 3.90
C LEU A 194 -15.45 26.18 2.71
N PRO A 195 -16.64 26.76 2.79
CA PRO A 195 -17.59 26.63 1.68
C PRO A 195 -16.98 27.06 0.37
N ALA A 196 -17.27 26.30 -0.68
CA ALA A 196 -16.82 26.65 -2.02
C ALA A 196 -17.60 27.87 -2.52
N ILE A 197 -17.00 28.58 -3.47
CA ILE A 197 -17.62 29.72 -4.13
C ILE A 197 -17.56 29.47 -5.63
N SER A 198 -18.69 29.67 -6.32
CA SER A 198 -18.80 29.41 -7.75
C SER A 198 -17.61 29.95 -8.53
N GLN A 206 -16.48 13.75 -12.72
CA GLN A 206 -16.26 13.99 -11.30
C GLN A 206 -15.79 12.73 -10.58
N THR A 207 -16.26 11.58 -11.06
CA THR A 207 -15.81 10.31 -10.50
C THR A 207 -14.42 9.95 -10.97
N CYS A 208 -14.07 10.30 -12.22
CA CYS A 208 -12.69 10.27 -12.67
C CYS A 208 -11.78 10.83 -11.58
N PHE A 209 -12.24 11.90 -10.94
CA PHE A 209 -11.40 12.68 -10.04
C PHE A 209 -11.30 12.05 -8.66
N PHE A 210 -12.40 12.03 -7.91
CA PHE A 210 -12.32 11.58 -6.53
C PHE A 210 -11.87 10.14 -6.43
N LEU A 211 -12.13 9.33 -7.47
CA LEU A 211 -11.55 7.99 -7.50
C LEU A 211 -10.03 8.06 -7.54
N GLN A 212 -9.47 8.96 -8.34
CA GLN A 212 -8.02 9.11 -8.38
C GLN A 212 -7.49 9.58 -7.04
N ILE A 213 -8.20 10.48 -6.37
CA ILE A 213 -7.78 10.93 -5.04
C ILE A 213 -7.72 9.75 -4.08
N LEU A 214 -8.76 8.91 -4.08
CA LEU A 214 -8.79 7.78 -3.16
C LEU A 214 -7.62 6.84 -3.41
N LEU A 215 -7.35 6.52 -4.67
CA LEU A 215 -6.23 5.64 -4.99
C LEU A 215 -4.90 6.32 -4.72
N LYS A 216 -4.78 7.60 -5.09
CA LYS A 216 -3.52 8.31 -4.88
C LYS A 216 -3.13 8.32 -3.42
N TYR A 217 -4.10 8.53 -2.53
CA TYR A 217 -3.79 8.58 -1.10
C TYR A 217 -3.53 7.18 -0.55
N MET A 218 -4.30 6.18 -1.00
CA MET A 218 -4.07 4.82 -0.52
C MET A 218 -2.68 4.32 -0.92
N VAL A 219 -2.18 4.71 -2.08
CA VAL A 219 -0.82 4.32 -2.46
C VAL A 219 0.20 4.99 -1.54
N ILE A 220 -0.02 6.27 -1.22
CA ILE A 220 0.89 6.98 -0.32
C ILE A 220 0.90 6.33 1.06
N GLN A 221 -0.28 5.95 1.56
CA GLN A 221 -0.33 5.28 2.86
C GLN A 221 0.43 3.98 2.84
N ALA A 222 0.35 3.23 1.74
CA ALA A 222 1.15 2.02 1.61
C ALA A 222 2.63 2.32 1.75
N ALA A 223 3.11 3.32 1.01
CA ALA A 223 4.51 3.71 1.05
C ALA A 223 4.87 4.50 2.31
N SER A 224 3.89 4.87 3.12
CA SER A 224 4.16 5.75 4.26
C SER A 224 5.18 5.12 5.19
N LEU A 225 6.15 5.93 5.62
CA LEU A 225 7.21 5.49 6.49
C LEU A 225 6.85 5.76 7.95
N GLU A 226 7.79 5.47 8.85
CA GLU A 226 7.61 5.74 10.27
C GLU A 226 6.33 5.11 10.81
N TRP A 227 6.04 3.89 10.36
CA TRP A 227 4.92 3.15 10.93
C TRP A 227 5.31 2.58 12.29
N LYS A 228 4.33 2.54 13.20
CA LYS A 228 4.60 2.21 14.60
C LYS A 228 5.35 0.89 14.68
N ASN A 229 6.13 0.74 15.77
CA ASN A 229 6.91 -0.48 15.96
C ASN A 229 6.01 -1.71 15.86
N LYS A 230 4.80 -1.65 16.42
CA LYS A 230 3.84 -2.72 16.25
C LYS A 230 3.49 -2.93 14.79
N GLU A 231 3.73 -1.92 13.93
CA GLU A 231 3.50 -2.01 12.50
C GLU A 231 2.14 -2.61 12.18
N ASN A 232 1.16 -2.35 13.05
CA ASN A 232 -0.23 -2.69 12.74
C ASN A 232 -0.78 -1.81 11.63
N GLN A 233 0.04 -0.92 11.08
CA GLN A 233 -0.36 -0.18 9.89
C GLN A 233 -0.61 -1.14 8.72
N ASP A 234 0.22 -2.19 8.63
CA ASP A 234 -0.02 -3.21 7.60
C ASP A 234 -1.38 -3.86 7.79
N THR A 235 -1.74 -4.18 9.03
CA THR A 235 -3.04 -4.78 9.29
C THR A 235 -4.17 -3.84 8.87
N GLY A 236 -4.06 -2.56 9.21
CA GLY A 236 -5.09 -1.60 8.84
C GLY A 236 -5.18 -1.39 7.35
N PHE A 237 -4.04 -1.28 6.67
CA PHE A 237 -4.07 -1.03 5.24
C PHE A 237 -4.77 -2.15 4.49
N LYS A 238 -4.52 -3.40 4.89
CA LYS A 238 -5.24 -4.51 4.27
C LYS A 238 -6.72 -4.46 4.62
N PHE A 239 -7.06 -4.04 5.85
CA PHE A 239 -8.46 -3.76 6.16
C PHE A 239 -9.00 -2.67 5.25
N LEU A 240 -8.23 -1.60 5.06
CA LEU A 240 -8.62 -0.56 4.11
C LEU A 240 -8.79 -1.14 2.72
N PHE A 241 -7.92 -2.08 2.35
CA PHE A 241 -7.97 -2.66 1.01
C PHE A 241 -9.23 -3.49 0.80
N THR A 242 -9.62 -4.27 1.82
CA THR A 242 -10.81 -5.10 1.68
C THR A 242 -12.04 -4.24 1.43
N LEU A 243 -12.15 -3.10 2.12
CA LEU A 243 -13.26 -2.19 1.83
C LEU A 243 -13.15 -1.66 0.41
N PHE A 244 -11.95 -1.33 -0.03
CA PHE A 244 -11.76 -0.90 -1.42
C PHE A 244 -12.13 -2.01 -2.39
N ARG A 245 -11.72 -3.25 -2.08
CA ARG A 245 -12.05 -4.38 -2.93
C ARG A 245 -13.55 -4.64 -2.97
N LYS A 246 -14.24 -4.36 -1.86
CA LYS A 246 -15.67 -4.66 -1.76
C LYS A 246 -16.53 -3.65 -2.51
N TYR A 247 -16.16 -2.37 -2.45
CA TYR A 247 -17.04 -1.30 -2.90
C TYR A 247 -16.60 -0.61 -4.19
N TYR A 248 -15.30 -0.39 -4.38
CA TYR A 248 -14.81 0.37 -5.53
C TYR A 248 -14.24 -0.53 -6.64
N LEU A 249 -13.47 -1.54 -6.27
CA LEU A 249 -12.86 -2.40 -7.28
C LEU A 249 -13.87 -3.05 -8.21
N PRO A 250 -15.02 -3.56 -7.74
CA PRO A 250 -15.90 -4.31 -8.65
C PRO A 250 -16.32 -3.53 -9.89
N HIS A 251 -16.52 -2.22 -9.76
CA HIS A 251 -16.95 -1.40 -10.88
C HIS A 251 -15.79 -0.81 -11.67
N LEU A 252 -14.56 -1.16 -11.32
CA LEU A 252 -13.39 -0.73 -12.08
C LEU A 252 -13.06 -1.77 -13.15
N PHE A 253 -12.72 -1.29 -14.35
CA PHE A 253 -12.43 -2.15 -15.48
C PHE A 253 -11.57 -3.35 -15.07
N HIS B 6 -5.29 -35.34 -2.81
CA HIS B 6 -5.45 -35.40 -4.25
C HIS B 6 -4.21 -36.02 -4.87
N GLY B 7 -4.29 -37.30 -5.22
CA GLY B 7 -3.15 -37.97 -5.81
C GLY B 7 -2.85 -37.55 -7.23
N ASP B 8 -3.80 -36.88 -7.89
CA ASP B 8 -3.60 -36.48 -9.28
C ASP B 8 -2.45 -35.49 -9.40
N VAL B 9 -2.36 -34.53 -8.48
CA VAL B 9 -1.34 -33.50 -8.62
C VAL B 9 0.06 -34.09 -8.46
N LYS B 10 0.22 -35.14 -7.64
CA LYS B 10 1.53 -35.76 -7.49
C LYS B 10 2.02 -36.32 -8.82
N LYS B 11 1.13 -36.99 -9.58
CA LYS B 11 1.52 -37.48 -10.90
C LYS B 11 1.87 -36.33 -11.83
N SER B 12 1.10 -35.23 -11.76
CA SER B 12 1.41 -34.06 -12.58
C SER B 12 2.79 -33.51 -12.26
N THR B 13 3.22 -33.59 -11.00
CA THR B 13 4.53 -33.09 -10.64
C THR B 13 5.63 -33.80 -11.43
N GLN B 14 5.53 -35.12 -11.57
CA GLN B 14 6.51 -35.85 -12.35
C GLN B 14 6.49 -35.41 -13.81
N LYS B 15 5.29 -35.24 -14.36
CA LYS B 15 5.17 -34.82 -15.75
C LYS B 15 5.73 -33.41 -15.95
N VAL B 16 5.48 -32.52 -14.99
CA VAL B 16 5.99 -31.16 -15.10
C VAL B 16 7.52 -31.16 -15.03
N LEU B 17 8.11 -32.14 -14.33
CA LEU B 17 9.55 -32.17 -14.12
C LEU B 17 10.28 -33.15 -15.03
N ASP B 18 9.58 -34.05 -15.69
CA ASP B 18 10.24 -34.94 -16.65
C ASP B 18 10.69 -34.12 -17.85
N PRO B 19 11.98 -34.09 -18.17
CA PRO B 19 12.42 -33.31 -19.35
C PRO B 19 12.09 -33.97 -20.68
N LYS B 20 11.40 -35.11 -20.69
CA LYS B 20 11.11 -35.85 -21.90
C LYS B 20 9.68 -35.66 -22.38
N LYS B 21 8.92 -34.75 -21.77
CA LYS B 21 7.49 -34.62 -22.04
C LYS B 21 7.22 -33.37 -22.88
N ASP B 22 6.14 -33.44 -23.66
CA ASP B 22 5.72 -32.31 -24.48
C ASP B 22 5.41 -31.10 -23.60
N VAL B 23 5.80 -29.92 -24.10
CA VAL B 23 5.65 -28.70 -23.32
C VAL B 23 4.18 -28.42 -23.01
N LEU B 24 3.31 -28.58 -24.00
CA LEU B 24 1.90 -28.23 -23.79
C LEU B 24 1.30 -29.03 -22.64
N THR B 25 1.60 -30.33 -22.56
CA THR B 25 1.15 -31.12 -21.42
C THR B 25 1.76 -30.59 -20.12
N ARG B 26 3.05 -30.28 -20.13
CA ARG B 26 3.71 -29.78 -18.92
C ARG B 26 3.09 -28.47 -18.46
N LEU B 27 2.64 -27.63 -19.39
CA LEU B 27 1.88 -26.44 -19.01
C LEU B 27 0.58 -26.84 -18.31
N LYS B 28 -0.21 -27.71 -18.94
CA LYS B 28 -1.51 -28.07 -18.38
C LYS B 28 -1.35 -28.72 -17.02
N HIS B 29 -0.39 -29.63 -16.88
CA HIS B 29 -0.19 -30.28 -15.59
C HIS B 29 0.39 -29.31 -14.57
N LEU B 30 1.27 -28.41 -15.00
CA LEU B 30 1.75 -27.37 -14.11
C LEU B 30 0.61 -26.45 -13.69
N ARG B 31 -0.26 -26.09 -14.63
CA ARG B 31 -1.45 -25.32 -14.29
C ARG B 31 -2.26 -26.01 -13.20
N ALA B 32 -2.34 -27.34 -13.27
CA ALA B 32 -3.03 -28.09 -12.22
C ALA B 32 -2.34 -27.95 -10.88
N LEU B 33 -0.99 -27.92 -10.88
CA LEU B 33 -0.27 -27.68 -9.64
C LEU B 33 -0.56 -26.29 -9.09
N LEU B 34 -0.56 -25.28 -9.95
CA LEU B 34 -0.78 -23.91 -9.49
C LEU B 34 -2.14 -23.73 -8.84
N ASP B 35 -3.10 -24.60 -9.15
CA ASP B 35 -4.44 -24.49 -8.59
C ASP B 35 -4.59 -25.30 -7.30
N ASN B 36 -4.15 -26.56 -7.33
CA ASN B 36 -4.45 -27.52 -6.27
C ASN B 36 -3.33 -27.62 -5.24
N VAL B 37 -2.30 -26.80 -5.33
CA VAL B 37 -1.19 -26.78 -4.38
C VAL B 37 -1.14 -25.39 -3.76
N ASP B 38 -1.06 -25.34 -2.43
CA ASP B 38 -1.13 -24.04 -1.76
C ASP B 38 0.12 -23.22 -2.05
N ALA B 39 -0.02 -21.91 -1.89
CA ALA B 39 1.03 -20.99 -2.30
C ALA B 39 2.33 -21.24 -1.54
N ASN B 40 2.25 -21.74 -0.30
CA ASN B 40 3.45 -21.85 0.52
C ASN B 40 4.41 -22.90 -0.05
N ASP B 41 3.89 -24.09 -0.37
CA ASP B 41 4.73 -25.11 -1.00
C ASP B 41 5.09 -24.71 -2.43
N LEU B 42 4.15 -24.06 -3.13
CA LEU B 42 4.42 -23.62 -4.50
C LEU B 42 5.67 -22.77 -4.57
N LYS B 43 5.88 -21.89 -3.58
CA LYS B 43 7.08 -21.07 -3.58
C LYS B 43 8.33 -21.94 -3.49
N GLN B 44 8.31 -22.94 -2.61
CA GLN B 44 9.45 -23.85 -2.48
C GLN B 44 9.68 -24.61 -3.78
N PHE B 45 8.59 -25.05 -4.42
CA PHE B 45 8.70 -25.76 -5.69
C PHE B 45 9.28 -24.84 -6.78
N PHE B 46 8.83 -23.59 -6.82
CA PHE B 46 9.42 -22.63 -7.75
C PHE B 46 10.86 -22.32 -7.38
N GLU B 47 11.15 -22.24 -6.08
CA GLU B 47 12.48 -21.79 -5.64
C GLU B 47 13.57 -22.71 -6.15
N THR B 48 13.37 -24.04 -6.05
CA THR B 48 14.38 -25.00 -6.43
C THR B 48 14.28 -25.45 -7.88
N ASN B 49 13.13 -25.24 -8.53
CA ASN B 49 12.91 -25.70 -9.90
C ASN B 49 12.53 -24.54 -10.82
N TYR B 50 13.06 -23.35 -10.55
CA TYR B 50 12.77 -22.19 -11.38
C TYR B 50 13.16 -22.43 -12.84
N SER B 51 14.31 -23.08 -13.08
CA SER B 51 14.84 -23.19 -14.43
C SER B 51 13.85 -23.88 -15.36
N GLN B 52 13.38 -25.06 -14.97
CA GLN B 52 12.43 -25.79 -15.81
C GLN B 52 11.12 -25.03 -15.95
N ILE B 53 10.63 -24.43 -14.87
CA ILE B 53 9.33 -23.78 -14.91
C ILE B 53 9.32 -22.66 -15.93
N TYR B 54 10.35 -21.80 -15.91
CA TYR B 54 10.40 -20.71 -16.88
C TYR B 54 10.47 -21.27 -18.29
N PHE B 55 11.19 -22.37 -18.48
CA PHE B 55 11.22 -23.04 -19.77
C PHE B 55 9.80 -23.34 -20.26
N ILE B 56 8.99 -23.94 -19.40
CA ILE B 56 7.62 -24.27 -19.78
C ILE B 56 6.88 -23.00 -20.20
N PHE B 57 7.08 -21.90 -19.47
CA PHE B 57 6.35 -20.68 -19.77
C PHE B 57 6.76 -20.10 -21.12
N TYR B 58 8.06 -19.94 -21.35
CA TYR B 58 8.50 -19.18 -22.52
C TYR B 58 8.16 -19.92 -23.81
N GLU B 59 8.48 -21.22 -23.89
CA GLU B 59 8.24 -21.96 -25.12
C GLU B 59 6.75 -22.01 -25.44
N ASN B 60 5.92 -22.25 -24.42
CA ASN B 60 4.48 -22.22 -24.66
C ASN B 60 4.03 -20.84 -25.10
N PHE B 61 4.59 -19.79 -24.48
CA PHE B 61 4.27 -18.43 -24.90
C PHE B 61 4.66 -18.19 -26.34
N ILE B 62 5.89 -18.59 -26.70
CA ILE B 62 6.37 -18.35 -28.06
C ILE B 62 5.55 -19.15 -29.07
N ALA B 63 5.23 -20.40 -28.74
CA ALA B 63 4.37 -21.19 -29.62
C ALA B 63 3.02 -20.51 -29.79
N LEU B 64 2.47 -19.97 -28.71
CA LEU B 64 1.22 -19.23 -28.80
C LEU B 64 1.38 -17.99 -29.67
N GLU B 65 2.50 -17.29 -29.54
CA GLU B 65 2.69 -16.07 -30.33
C GLU B 65 2.67 -16.39 -31.81
N ASN B 66 3.30 -17.50 -32.21
CA ASN B 66 3.26 -17.90 -33.62
C ASN B 66 1.87 -18.34 -34.03
N SER B 67 1.12 -18.98 -33.13
CA SER B 67 -0.20 -19.49 -33.48
C SER B 67 -1.11 -18.35 -33.93
N LEU B 68 -1.11 -17.23 -33.20
CA LEU B 68 -1.98 -16.12 -33.54
C LEU B 68 -1.63 -15.52 -34.89
N LYS B 69 -0.34 -15.47 -35.22
CA LYS B 69 0.14 -14.98 -36.52
C LYS B 69 -0.61 -13.73 -36.96
N ASN B 74 -8.89 -17.72 -33.45
CA ASN B 74 -7.86 -17.27 -32.54
C ASN B 74 -8.44 -17.02 -31.14
N LYS B 75 -9.75 -17.25 -31.00
CA LYS B 75 -10.38 -17.12 -29.69
C LYS B 75 -10.03 -18.28 -28.78
N SER B 76 -9.90 -19.48 -29.33
CA SER B 76 -9.50 -20.62 -28.51
C SER B 76 -8.09 -20.46 -27.98
N GLN B 77 -7.19 -19.91 -28.80
CA GLN B 77 -5.84 -19.59 -28.32
C GLN B 77 -5.90 -18.54 -27.22
N ARG B 78 -6.76 -17.53 -27.38
CA ARG B 78 -6.89 -16.48 -26.38
C ARG B 78 -7.24 -17.04 -25.00
N GLU B 79 -7.96 -18.17 -24.97
CA GLU B 79 -8.15 -18.88 -23.71
C GLU B 79 -6.82 -19.45 -23.22
N GLU B 80 -6.02 -20.01 -24.13
CA GLU B 80 -4.72 -20.55 -23.73
C GLU B 80 -3.77 -19.47 -23.24
N LEU B 81 -3.90 -18.25 -23.77
CA LEU B 81 -3.00 -17.17 -23.36
C LEU B 81 -3.17 -16.86 -21.88
N ASP B 82 -4.41 -16.77 -21.41
CA ASP B 82 -4.64 -16.47 -20.00
C ASP B 82 -3.95 -17.50 -19.11
N SER B 83 -4.00 -18.78 -19.49
CA SER B 83 -3.34 -19.80 -18.69
C SER B 83 -1.84 -19.54 -18.62
N ILE B 84 -1.23 -19.10 -19.72
CA ILE B 84 0.19 -18.80 -19.73
C ILE B 84 0.49 -17.61 -18.83
N LEU B 85 -0.27 -16.53 -18.97
CA LEU B 85 -0.01 -15.33 -18.19
C LEU B 85 -0.24 -15.56 -16.71
N PHE B 86 -1.06 -16.54 -16.34
CA PHE B 86 -1.20 -16.91 -14.93
C PHE B 86 0.10 -17.51 -14.42
N LEU B 87 0.69 -18.44 -15.18
CA LEU B 87 2.00 -18.96 -14.83
C LEU B 87 3.04 -17.84 -14.82
N PHE B 88 2.96 -16.94 -15.80
CA PHE B 88 3.89 -15.82 -15.85
C PHE B 88 3.84 -15.01 -14.57
N GLU B 89 2.63 -14.69 -14.11
CA GLU B 89 2.46 -13.94 -12.87
C GLU B 89 3.12 -14.66 -11.70
N LYS B 90 2.85 -15.96 -11.56
CA LYS B 90 3.36 -16.68 -10.40
C LYS B 90 4.88 -16.67 -10.37
N ILE B 91 5.52 -16.75 -11.54
CA ILE B 91 6.98 -16.72 -11.60
C ILE B 91 7.49 -15.42 -10.99
N LEU B 92 6.87 -14.30 -11.35
CA LEU B 92 7.30 -13.00 -10.83
C LEU B 92 7.07 -12.89 -9.33
N GLN B 93 6.08 -13.60 -8.79
CA GLN B 93 5.78 -13.47 -7.37
C GLN B 93 6.69 -14.34 -6.51
N PHE B 94 6.95 -15.58 -6.92
CA PHE B 94 7.68 -16.52 -6.09
C PHE B 94 9.19 -16.43 -6.27
N LEU B 95 9.67 -15.75 -7.31
CA LEU B 95 11.10 -15.64 -7.57
C LEU B 95 11.52 -14.18 -7.78
N PRO B 96 11.10 -13.28 -6.89
CA PRO B 96 11.61 -11.90 -7.00
C PRO B 96 13.08 -11.78 -6.67
N GLU B 97 13.66 -12.79 -6.02
CA GLU B 97 15.08 -12.74 -5.66
C GLU B 97 15.96 -13.00 -6.88
N ARG B 98 15.67 -14.06 -7.64
CA ARG B 98 16.43 -14.31 -8.87
C ARG B 98 16.24 -13.16 -9.85
N ILE B 99 15.01 -12.65 -9.95
CA ILE B 99 14.71 -11.58 -10.91
C ILE B 99 15.55 -10.35 -10.62
N PHE B 100 15.68 -9.98 -9.35
CA PHE B 100 16.44 -8.80 -8.99
C PHE B 100 17.87 -8.86 -9.54
N PHE B 101 18.44 -10.05 -9.63
CA PHE B 101 19.77 -10.23 -10.19
C PHE B 101 19.76 -10.38 -11.71
N ARG B 102 18.68 -9.93 -12.37
CA ARG B 102 18.56 -9.90 -13.82
C ARG B 102 18.35 -11.29 -14.43
N TRP B 103 17.94 -12.26 -13.61
CA TRP B 103 17.59 -13.58 -14.13
C TRP B 103 16.45 -13.46 -15.13
N HIS B 104 16.71 -13.85 -16.38
CA HIS B 104 15.75 -13.70 -17.48
C HIS B 104 15.33 -12.25 -17.67
N TYR B 105 16.29 -11.33 -17.53
CA TYR B 105 16.02 -9.91 -17.73
C TYR B 105 15.58 -9.63 -19.17
N GLN B 106 16.28 -10.21 -20.15
CA GLN B 106 15.97 -9.91 -21.55
C GLN B 106 14.71 -10.65 -22.01
N SER B 107 14.52 -11.89 -21.58
CA SER B 107 13.37 -12.66 -22.03
C SER B 107 12.08 -12.15 -21.41
N ILE B 108 12.14 -11.72 -20.15
CA ILE B 108 10.96 -11.16 -19.51
C ILE B 108 10.63 -9.81 -20.13
N GLY B 109 11.66 -8.99 -20.37
CA GLY B 109 11.42 -7.69 -20.98
C GLY B 109 10.74 -7.80 -22.33
N SER B 110 11.24 -8.71 -23.18
CA SER B 110 10.61 -8.91 -24.48
C SER B 110 9.14 -9.30 -24.30
N THR B 111 8.87 -10.23 -23.38
CA THR B 111 7.51 -10.72 -23.20
C THR B 111 6.57 -9.60 -22.78
N LEU B 112 7.01 -8.77 -21.84
CA LEU B 112 6.15 -7.70 -21.34
C LEU B 112 5.82 -6.70 -22.44
N LYS B 113 6.80 -6.35 -23.26
CA LYS B 113 6.57 -5.39 -24.34
C LYS B 113 5.57 -5.94 -25.34
N LYS B 114 5.62 -7.25 -25.62
CA LYS B 114 4.64 -7.86 -26.49
C LYS B 114 3.23 -7.71 -25.93
N LEU B 115 3.09 -7.48 -24.62
CA LEU B 115 1.80 -7.21 -24.01
C LEU B 115 1.50 -5.73 -23.86
N LEU B 116 2.53 -4.90 -23.68
CA LEU B 116 2.33 -3.47 -23.51
C LEU B 116 2.10 -2.75 -24.82
N HIS B 117 2.46 -3.35 -25.95
CA HIS B 117 2.33 -2.69 -27.24
C HIS B 117 0.96 -2.04 -27.38
N THR B 118 0.96 -0.75 -27.73
CA THR B 118 -0.28 0.00 -27.77
C THR B 118 -1.26 -0.54 -28.80
N GLY B 119 -0.78 -1.31 -29.78
CA GLY B 119 -1.67 -1.97 -30.71
C GLY B 119 -2.44 -3.14 -30.14
N ASN B 120 -2.14 -3.54 -28.91
CA ASN B 120 -2.84 -4.63 -28.28
C ASN B 120 -4.20 -4.16 -27.74
N SER B 121 -5.09 -5.12 -27.54
CA SER B 121 -6.38 -4.84 -26.93
C SER B 121 -6.17 -4.26 -25.54
N ILE B 122 -7.19 -3.54 -25.06
CA ILE B 122 -7.09 -2.92 -23.74
C ILE B 122 -6.86 -3.98 -22.67
N LYS B 123 -7.53 -5.12 -22.80
CA LYS B 123 -7.32 -6.22 -21.86
C LYS B 123 -5.85 -6.59 -21.77
N ILE B 124 -5.21 -6.86 -22.91
CA ILE B 124 -3.82 -7.28 -22.92
C ILE B 124 -2.91 -6.17 -22.39
N ARG B 125 -3.18 -4.92 -22.79
CA ARG B 125 -2.35 -3.82 -22.30
C ARG B 125 -2.41 -3.71 -20.79
N CYS B 126 -3.60 -3.83 -20.22
CA CYS B 126 -3.73 -3.79 -18.77
C CYS B 126 -2.97 -4.93 -18.10
N GLU B 127 -3.02 -6.12 -18.68
CA GLU B 127 -2.28 -7.24 -18.11
C GLU B 127 -0.78 -7.01 -18.23
N GLY B 128 -0.33 -6.38 -19.31
CA GLY B 128 1.07 -6.03 -19.42
C GLY B 128 1.49 -5.05 -18.32
N ILE B 129 0.61 -4.11 -17.99
CA ILE B 129 0.90 -3.15 -16.93
C ILE B 129 0.96 -3.85 -15.58
N ARG B 130 0.03 -4.77 -15.32
CA ARG B 130 0.04 -5.49 -14.05
C ARG B 130 1.33 -6.28 -13.88
N LEU B 131 1.71 -7.06 -14.90
CA LEU B 131 2.90 -7.88 -14.78
C LEU B 131 4.18 -7.03 -14.81
N PHE B 132 4.15 -5.90 -15.52
CA PHE B 132 5.32 -5.03 -15.54
C PHE B 132 5.60 -4.48 -14.14
N LEU B 133 4.57 -3.99 -13.45
CA LEU B 133 4.77 -3.46 -12.11
C LEU B 133 5.30 -4.55 -11.18
N LEU B 134 4.75 -5.76 -11.29
CA LEU B 134 5.29 -6.87 -10.53
C LEU B 134 6.77 -7.09 -10.83
N TRP B 135 7.13 -7.09 -12.12
CA TRP B 135 8.52 -7.25 -12.50
C TRP B 135 9.38 -6.15 -11.90
N LEU B 136 8.96 -4.90 -12.05
CA LEU B 136 9.79 -3.77 -11.65
C LEU B 136 9.94 -3.69 -10.13
N GLN B 137 8.95 -4.18 -9.38
CA GLN B 137 9.09 -4.23 -7.93
C GLN B 137 10.23 -5.15 -7.53
N ALA B 138 10.26 -6.35 -8.11
CA ALA B 138 11.38 -7.25 -7.84
C ALA B 138 12.67 -6.69 -8.41
N LEU B 139 12.63 -6.21 -9.65
CA LEU B 139 13.84 -5.72 -10.31
C LEU B 139 14.40 -4.51 -9.59
N GLN B 140 13.54 -3.57 -9.18
CA GLN B 140 13.97 -2.55 -8.23
C GLN B 140 15.02 -1.62 -8.82
N THR B 141 15.93 -1.14 -7.98
CA THR B 141 17.00 -0.26 -8.43
C THR B 141 17.99 -0.96 -9.35
N ASN B 142 17.93 -2.29 -9.44
CA ASN B 142 18.78 -3.03 -10.35
C ASN B 142 18.26 -3.00 -11.78
N CYS B 143 17.16 -2.28 -12.03
CA CYS B 143 16.68 -2.10 -13.38
C CYS B 143 17.61 -1.16 -14.16
N ALA B 144 17.44 -1.15 -15.47
CA ALA B 144 18.12 -0.22 -16.35
C ALA B 144 17.20 0.96 -16.64
N GLU B 145 17.72 1.93 -17.39
CA GLU B 145 16.95 3.14 -17.69
C GLU B 145 15.66 2.79 -18.42
N GLU B 146 15.73 1.86 -19.37
CA GLU B 146 14.55 1.53 -20.18
C GLU B 146 13.33 1.24 -19.31
N GLN B 147 13.50 0.40 -18.28
CA GLN B 147 12.37 0.04 -17.43
C GLN B 147 11.78 1.27 -16.74
N VAL B 148 12.64 2.19 -16.29
CA VAL B 148 12.14 3.42 -15.68
C VAL B 148 11.31 4.20 -16.68
N LEU B 149 11.85 4.41 -17.88
CA LEU B 149 11.14 5.21 -18.88
C LEU B 149 9.82 4.56 -19.26
N ILE B 150 9.81 3.24 -19.44
CA ILE B 150 8.57 2.54 -19.71
C ILE B 150 7.55 2.84 -18.62
N PHE B 151 7.98 2.75 -17.35
CA PHE B 151 7.06 3.05 -16.26
C PHE B 151 6.49 4.46 -16.42
N ALA B 152 7.30 5.39 -16.93
CA ALA B 152 6.85 6.76 -17.08
C ALA B 152 5.89 6.94 -18.25
N CYS B 153 5.95 6.06 -19.25
CA CYS B 153 5.12 6.17 -20.45
C CYS B 153 3.90 5.25 -20.40
N LEU B 154 3.65 4.58 -19.28
CA LEU B 154 2.53 3.65 -19.24
C LEU B 154 1.19 4.35 -19.45
N VAL B 155 1.07 5.60 -19.03
CA VAL B 155 -0.21 6.33 -19.08
C VAL B 155 -0.14 7.32 -20.23
N PRO B 156 -0.93 7.15 -21.28
CA PRO B 156 -0.89 8.10 -22.40
C PRO B 156 -1.32 9.49 -21.97
N GLY B 157 -0.73 10.50 -22.62
CA GLY B 157 -1.08 11.88 -22.42
C GLY B 157 -0.13 12.66 -21.53
N PHE B 158 0.55 11.98 -20.62
CA PHE B 158 1.47 12.67 -19.72
C PHE B 158 2.70 13.17 -20.48
N PRO B 159 3.31 14.27 -20.02
CA PRO B 159 4.56 14.72 -20.65
C PRO B 159 5.64 13.65 -20.56
N ALA B 160 6.39 13.49 -21.64
CA ALA B 160 7.43 12.48 -21.74
C ALA B 160 8.78 13.15 -21.96
N VAL B 161 9.82 12.52 -21.41
CA VAL B 161 11.18 13.04 -21.51
C VAL B 161 12.14 11.86 -21.48
N MET B 162 13.34 12.09 -22.01
CA MET B 162 14.43 11.12 -21.94
C MET B 162 15.69 11.78 -22.45
N SER B 163 16.83 11.35 -21.91
CA SER B 163 18.11 11.99 -22.19
C SER B 163 19.03 11.19 -23.11
N SER B 164 18.95 9.85 -23.06
CA SER B 164 19.90 9.05 -23.82
C SER B 164 19.76 9.27 -25.32
N ARG B 165 18.53 9.33 -25.82
CA ARG B 165 18.29 9.44 -27.25
C ARG B 165 17.04 10.29 -27.50
N GLY B 166 16.97 11.46 -26.88
CA GLY B 166 15.89 12.40 -27.13
C GLY B 166 14.62 12.07 -26.38
N PRO B 167 13.52 12.73 -26.75
CA PRO B 167 12.23 12.46 -26.08
C PRO B 167 11.82 10.99 -26.22
N CYS B 168 10.88 10.60 -25.38
CA CYS B 168 10.45 9.22 -25.28
C CYS B 168 8.94 9.10 -25.46
N THR B 169 8.53 7.99 -26.07
CA THR B 169 7.15 7.54 -26.08
C THR B 169 7.14 6.05 -25.83
N LEU B 170 6.02 5.54 -25.29
CA LEU B 170 5.89 4.10 -25.16
C LEU B 170 6.11 3.43 -26.51
N GLU B 171 5.41 3.92 -27.54
CA GLU B 171 5.49 3.29 -28.85
C GLU B 171 6.93 3.27 -29.38
N THR B 172 7.67 4.35 -29.14
CA THR B 172 9.05 4.41 -29.60
C THR B 172 9.95 3.47 -28.80
N LEU B 173 9.66 3.30 -27.50
CA LEU B 173 10.49 2.44 -26.67
C LEU B 173 10.39 0.98 -27.13
N ILE B 174 9.19 0.50 -27.41
CA ILE B 174 9.04 -0.90 -27.84
C ILE B 174 9.59 -1.07 -29.25
N ASN B 175 9.36 -0.12 -30.14
CA ASN B 175 9.63 -0.26 -31.56
C ASN B 175 10.51 0.87 -32.07
N PRO B 176 11.77 0.92 -31.64
CA PRO B 176 12.74 1.81 -32.31
C PRO B 176 13.09 1.28 -33.68
N SER B 177 13.50 2.20 -34.56
CA SER B 177 13.83 1.83 -35.94
C SER B 177 15.02 2.62 -36.45
N ASP B 182 23.08 -6.69 -38.56
CA ASP B 182 23.20 -6.84 -39.99
C ASP B 182 21.95 -7.47 -40.59
N VAL B 183 21.98 -7.75 -41.89
CA VAL B 183 20.82 -8.32 -42.56
C VAL B 183 20.58 -9.76 -42.10
N LYS B 184 21.65 -10.52 -41.91
CA LYS B 184 21.51 -11.93 -41.55
C LYS B 184 20.90 -12.08 -40.16
N ILE B 185 21.58 -11.56 -39.14
CA ILE B 185 21.27 -11.85 -37.74
C ILE B 185 20.81 -10.56 -37.07
N TYR B 186 19.62 -10.60 -36.47
CA TYR B 186 19.07 -9.43 -35.79
C TYR B 186 18.01 -9.90 -34.81
N PRO B 187 17.75 -9.12 -33.76
CA PRO B 187 16.76 -9.55 -32.76
C PRO B 187 15.33 -9.45 -33.28
N GLU B 188 14.45 -10.21 -32.64
CA GLU B 188 13.04 -10.19 -33.00
C GLU B 188 12.46 -8.80 -32.78
N GLU B 189 11.53 -8.42 -33.65
CA GLU B 189 10.82 -7.15 -33.52
C GLU B 189 9.52 -7.36 -32.78
N ILE B 190 9.30 -6.57 -31.71
CA ILE B 190 8.09 -6.72 -30.91
C ILE B 190 6.88 -6.44 -31.78
N THR B 191 5.85 -7.27 -31.64
CA THR B 191 4.57 -7.07 -32.30
C THR B 191 3.45 -7.22 -31.27
N PRO B 192 2.36 -6.48 -31.44
CA PRO B 192 1.25 -6.60 -30.49
C PRO B 192 0.69 -8.01 -30.49
N LEU B 193 0.62 -8.60 -29.30
CA LEU B 193 0.25 -10.01 -29.19
C LEU B 193 -1.17 -10.25 -29.67
N LEU B 194 -2.10 -9.38 -29.31
CA LEU B 194 -3.51 -9.52 -29.67
C LEU B 194 -4.06 -8.19 -30.17
N PRO B 195 -3.89 -7.88 -31.45
CA PRO B 195 -4.48 -6.65 -32.00
C PRO B 195 -6.00 -6.69 -31.90
N ALA B 196 -6.60 -5.50 -31.81
CA ALA B 196 -8.05 -5.39 -31.77
C ALA B 196 -8.47 -4.01 -32.25
N ILE B 197 -9.71 -3.92 -32.75
CA ILE B 197 -10.28 -2.64 -33.17
C ILE B 197 -11.74 -2.57 -32.72
N SER B 198 -11.96 -2.30 -31.44
CA SER B 198 -13.29 -2.13 -30.89
C SER B 198 -13.13 -1.67 -29.44
N GLY B 199 -14.26 -1.44 -28.78
CA GLY B 199 -14.23 -1.00 -27.39
C GLY B 199 -13.78 0.45 -27.27
N GLU B 200 -13.53 0.83 -26.02
CA GLU B 200 -13.12 2.20 -25.71
C GLU B 200 -11.78 2.20 -24.98
N ASP B 205 -11.32 10.29 -20.55
CA ASP B 205 -10.25 10.21 -21.55
C ASP B 205 -9.34 9.02 -21.26
N GLN B 206 -8.39 8.78 -22.17
CA GLN B 206 -7.51 7.63 -22.03
C GLN B 206 -6.56 7.79 -20.83
N THR B 207 -6.18 9.02 -20.50
CA THR B 207 -5.34 9.25 -19.34
C THR B 207 -6.09 8.93 -18.05
N CYS B 208 -7.36 9.37 -17.94
CA CYS B 208 -8.17 8.97 -16.80
C CYS B 208 -8.14 7.47 -16.63
N PHE B 209 -8.33 6.73 -17.73
CA PHE B 209 -8.46 5.28 -17.66
C PHE B 209 -7.16 4.64 -17.20
N PHE B 210 -6.09 4.82 -17.97
CA PHE B 210 -4.86 4.11 -17.67
C PHE B 210 -4.21 4.58 -16.39
N LEU B 211 -4.48 5.82 -15.97
CA LEU B 211 -4.00 6.27 -14.68
C LEU B 211 -4.69 5.52 -13.56
N GLN B 212 -6.01 5.32 -13.68
CA GLN B 212 -6.72 4.49 -12.70
C GLN B 212 -6.20 3.06 -12.73
N ILE B 213 -5.91 2.54 -13.93
CA ILE B 213 -5.34 1.20 -14.04
C ILE B 213 -4.03 1.11 -13.29
N LEU B 214 -3.14 2.08 -13.52
CA LEU B 214 -1.82 2.06 -12.87
C LEU B 214 -1.98 2.12 -11.35
N LEU B 215 -2.79 3.07 -10.86
CA LEU B 215 -2.97 3.18 -9.42
C LEU B 215 -3.66 1.95 -8.85
N LYS B 216 -4.70 1.44 -9.54
CA LYS B 216 -5.41 0.27 -9.04
C LYS B 216 -4.45 -0.86 -8.75
N TYR B 217 -3.62 -1.22 -9.73
CA TYR B 217 -2.73 -2.35 -9.56
C TYR B 217 -1.68 -2.07 -8.49
N MET B 218 -1.27 -0.82 -8.33
CA MET B 218 -0.30 -0.52 -7.28
C MET B 218 -0.91 -0.70 -5.90
N VAL B 219 -2.18 -0.33 -5.73
CA VAL B 219 -2.84 -0.56 -4.44
C VAL B 219 -2.92 -2.06 -4.16
N ILE B 220 -3.35 -2.83 -5.15
CA ILE B 220 -3.42 -4.27 -4.99
C ILE B 220 -2.03 -4.83 -4.70
N GLN B 221 -1.04 -4.36 -5.45
CA GLN B 221 0.33 -4.84 -5.27
C GLN B 221 0.86 -4.56 -3.87
N ALA B 222 0.42 -3.46 -3.26
CA ALA B 222 0.88 -3.14 -1.91
C ALA B 222 0.24 -4.04 -0.87
N ALA B 223 -1.05 -4.36 -1.05
CA ALA B 223 -1.73 -5.27 -0.14
C ALA B 223 -1.35 -6.72 -0.39
N SER B 224 -0.53 -7.00 -1.40
CA SER B 224 -0.25 -8.37 -1.81
C SER B 224 0.50 -9.12 -0.72
N LEU B 225 0.32 -10.44 -0.70
CA LEU B 225 0.99 -11.29 0.27
C LEU B 225 2.49 -11.11 0.16
N GLU B 226 3.15 -10.96 1.31
CA GLU B 226 4.57 -10.63 1.35
C GLU B 226 5.42 -11.89 1.22
N TRP B 227 6.47 -11.80 0.42
CA TRP B 227 7.43 -12.90 0.33
C TRP B 227 8.41 -12.83 1.51
N LYS B 228 9.25 -13.87 1.62
CA LYS B 228 10.06 -14.04 2.83
C LYS B 228 10.88 -12.79 3.14
N ASN B 229 11.45 -12.16 2.11
CA ASN B 229 12.29 -10.98 2.30
C ASN B 229 11.40 -9.75 2.28
N LYS B 230 10.69 -9.54 3.39
CA LYS B 230 9.77 -8.42 3.51
C LYS B 230 10.47 -7.07 3.34
N GLU B 231 11.78 -7.02 3.63
CA GLU B 231 12.52 -5.80 3.34
C GLU B 231 12.68 -5.59 1.84
N ASN B 232 12.77 -6.68 1.06
CA ASN B 232 12.91 -6.55 -0.38
C ASN B 232 11.60 -6.17 -1.06
N GLN B 233 10.45 -6.55 -0.49
CA GLN B 233 9.19 -6.08 -1.03
C GLN B 233 8.98 -4.59 -0.73
N ASP B 234 9.21 -4.19 0.52
CA ASP B 234 9.02 -2.78 0.89
C ASP B 234 9.94 -1.89 0.06
N THR B 235 11.24 -2.23 0.00
CA THR B 235 12.15 -1.47 -0.83
C THR B 235 11.74 -1.53 -2.30
N GLY B 236 11.26 -2.68 -2.75
CA GLY B 236 10.80 -2.80 -4.13
C GLY B 236 9.63 -1.87 -4.42
N PHE B 237 8.61 -1.89 -3.55
CA PHE B 237 7.47 -1.01 -3.76
C PHE B 237 7.86 0.44 -3.57
N LYS B 238 8.68 0.73 -2.56
CA LYS B 238 9.08 2.13 -2.33
C LYS B 238 9.86 2.67 -3.52
N PHE B 239 10.73 1.85 -4.12
CA PHE B 239 11.33 2.24 -5.38
C PHE B 239 10.25 2.51 -6.41
N LEU B 240 9.26 1.63 -6.49
CA LEU B 240 8.14 1.85 -7.40
C LEU B 240 7.41 3.13 -7.06
N PHE B 241 7.28 3.43 -5.77
CA PHE B 241 6.65 4.69 -5.37
C PHE B 241 7.53 5.88 -5.70
N THR B 242 8.85 5.76 -5.46
CA THR B 242 9.77 6.83 -5.81
C THR B 242 9.59 7.22 -7.27
N LEU B 243 9.50 6.23 -8.16
CA LEU B 243 9.24 6.52 -9.57
C LEU B 243 7.88 7.18 -9.76
N PHE B 244 6.86 6.69 -9.06
CA PHE B 244 5.52 7.27 -9.21
C PHE B 244 5.50 8.71 -8.73
N ARG B 245 6.18 8.99 -7.61
CA ARG B 245 6.24 10.36 -7.09
C ARG B 245 6.99 11.28 -8.04
N LYS B 246 7.78 10.73 -8.96
CA LYS B 246 8.61 11.53 -9.83
C LYS B 246 7.92 11.88 -11.14
N TYR B 247 7.22 10.92 -11.75
CA TYR B 247 6.70 11.08 -13.10
C TYR B 247 5.17 11.18 -13.15
N TYR B 248 4.48 11.02 -12.04
CA TYR B 248 3.02 11.04 -12.07
C TYR B 248 2.40 11.87 -10.97
N LEU B 249 2.91 11.81 -9.75
CA LEU B 249 2.32 12.60 -8.67
C LEU B 249 2.26 14.08 -9.01
N PRO B 250 3.30 14.71 -9.57
CA PRO B 250 3.10 16.01 -10.19
C PRO B 250 2.17 15.89 -11.38
N HIS B 251 1.55 17.02 -11.75
CA HIS B 251 0.44 17.06 -12.67
C HIS B 251 -0.82 16.40 -12.10
N LEU B 252 -0.83 16.12 -10.80
CA LEU B 252 -1.95 15.49 -10.11
C LEU B 252 -2.26 16.30 -8.86
N PHE B 253 -3.33 17.08 -8.91
CA PHE B 253 -3.79 17.95 -7.82
C PHE B 253 -2.82 18.08 -6.65
N CYS C 9 -18.21 26.63 26.42
CA CYS C 9 -18.19 26.20 27.82
C CYS C 9 -17.78 24.73 27.95
N LYS C 10 -16.66 24.49 28.63
CA LYS C 10 -16.10 23.15 28.75
C LYS C 10 -16.71 22.45 29.96
N VAL C 11 -17.23 21.24 29.74
CA VAL C 11 -17.90 20.47 30.77
C VAL C 11 -17.26 19.09 30.83
N VAL C 12 -16.91 18.64 32.03
CA VAL C 12 -16.29 17.34 32.24
C VAL C 12 -17.33 16.42 32.87
N VAL C 13 -17.56 15.27 32.24
CA VAL C 13 -18.48 14.26 32.73
C VAL C 13 -17.65 13.12 33.31
N CYS C 14 -17.80 12.88 34.61
CA CYS C 14 -16.95 11.92 35.31
C CYS C 14 -17.77 11.08 36.26
N GLY C 15 -17.36 9.83 36.41
CA GLY C 15 -18.06 8.91 37.30
C GLY C 15 -17.43 7.53 37.22
N LEU C 16 -17.94 6.63 38.05
CA LEU C 16 -17.47 5.26 38.10
C LEU C 16 -17.81 4.53 36.80
N LEU C 17 -17.27 3.33 36.65
CA LEU C 17 -17.44 2.58 35.42
C LEU C 17 -18.90 2.21 35.20
N SER C 18 -19.38 2.41 33.97
CA SER C 18 -20.68 1.92 33.53
C SER C 18 -21.84 2.44 34.38
N VAL C 19 -21.71 3.67 34.90
CA VAL C 19 -22.84 4.30 35.56
C VAL C 19 -23.82 4.90 34.56
N GLY C 20 -23.39 5.13 33.32
CA GLY C 20 -24.26 5.67 32.30
C GLY C 20 -23.77 6.99 31.73
N LYS C 21 -22.49 7.30 31.93
CA LYS C 21 -21.97 8.60 31.49
C LYS C 21 -22.17 8.81 29.99
N THR C 22 -21.72 7.85 29.19
CA THR C 22 -21.85 7.99 27.74
C THR C 22 -23.28 7.77 27.28
N ALA C 23 -24.02 6.89 27.96
CA ALA C 23 -25.43 6.67 27.61
C ALA C 23 -26.26 7.91 27.87
N ILE C 24 -25.98 8.62 28.96
CA ILE C 24 -26.67 9.89 29.23
C ILE C 24 -26.40 10.88 28.10
N LEU C 25 -25.12 11.06 27.75
CA LEU C 25 -24.76 12.02 26.71
C LEU C 25 -25.37 11.63 25.38
N GLU C 26 -25.24 10.35 25.01
CA GLU C 26 -25.69 9.91 23.68
C GLU C 26 -27.21 9.81 23.60
N GLN C 27 -27.86 9.30 24.66
CA GLN C 27 -29.32 9.27 24.66
C GLN C 27 -29.91 10.68 24.73
N LEU C 28 -29.18 11.63 25.32
CA LEU C 28 -29.64 13.01 25.34
C LEU C 28 -29.58 13.62 23.95
N LEU C 29 -28.45 13.48 23.26
CA LEU C 29 -28.22 14.16 22.01
C LEU C 29 -28.79 13.42 20.81
N TYR C 30 -29.01 12.11 20.92
CA TYR C 30 -29.50 11.33 19.81
C TYR C 30 -30.68 10.44 20.14
N GLY C 31 -30.91 10.10 21.41
CA GLY C 31 -32.03 9.26 21.78
C GLY C 31 -31.98 7.87 21.20
N ASN C 32 -30.84 7.44 20.69
CA ASN C 32 -30.70 6.15 20.03
C ASN C 32 -30.06 5.10 20.91
N HIS C 33 -29.88 5.37 22.20
CA HIS C 33 -29.22 4.41 23.07
C HIS C 33 -30.16 3.27 23.38
N THR C 34 -29.76 2.05 23.03
CA THR C 34 -30.48 0.84 23.39
C THR C 34 -29.80 0.23 24.60
N ILE C 35 -30.58 -0.06 25.64
CA ILE C 35 -30.00 -0.44 26.93
C ILE C 35 -29.34 -1.81 26.81
N GLY C 36 -28.16 -1.93 27.38
CA GLY C 36 -27.32 -3.10 27.15
C GLY C 36 -26.64 -2.98 25.81
N MET C 37 -26.88 -3.92 24.90
CA MET C 37 -26.46 -3.78 23.51
C MET C 37 -24.97 -3.44 23.43
N GLU C 38 -24.58 -2.50 22.58
CA GLU C 38 -23.16 -2.17 22.46
C GLU C 38 -22.59 -1.76 23.82
N ASP C 39 -21.45 -2.35 24.16
CA ASP C 39 -20.76 -2.08 25.41
C ASP C 39 -19.28 -1.89 25.10
N CYS C 40 -18.84 -0.63 25.02
CA CYS C 40 -17.45 -0.29 24.81
C CYS C 40 -17.03 0.73 25.86
N GLU C 41 -15.95 0.43 26.58
CA GLU C 41 -15.49 1.32 27.65
C GLU C 41 -14.95 2.61 27.05
N THR C 42 -15.36 3.74 27.62
CA THR C 42 -14.89 5.04 27.15
C THR C 42 -13.50 5.32 27.69
N MET C 43 -12.72 6.06 26.90
CA MET C 43 -11.37 6.48 27.24
C MET C 43 -11.24 7.99 27.27
N GLU C 44 -11.71 8.67 26.23
CA GLU C 44 -11.77 10.12 26.15
C GLU C 44 -12.55 10.48 24.90
N ASP C 45 -13.38 11.51 24.98
CA ASP C 45 -14.12 11.95 23.80
C ASP C 45 -14.83 13.25 24.15
N VAL C 46 -15.24 13.98 23.11
CA VAL C 46 -15.87 15.29 23.26
C VAL C 46 -17.10 15.34 22.37
N TYR C 47 -18.24 15.64 22.97
CA TYR C 47 -19.48 15.90 22.24
C TYR C 47 -19.74 17.40 22.22
N MET C 48 -20.33 17.87 21.13
CA MET C 48 -20.75 19.26 20.99
C MET C 48 -22.27 19.30 21.03
N ALA C 49 -22.81 20.07 21.98
CA ALA C 49 -24.26 20.18 22.12
C ALA C 49 -24.62 21.61 22.46
N SER C 50 -25.67 22.11 21.81
CA SER C 50 -26.23 23.41 22.10
C SER C 50 -27.50 23.24 22.92
N VAL C 51 -27.59 23.96 24.03
CA VAL C 51 -28.67 23.79 25.01
C VAL C 51 -29.41 25.11 25.14
N GLU C 52 -30.74 25.06 24.98
CA GLU C 52 -31.57 26.23 25.22
C GLU C 52 -31.59 26.53 26.72
N THR C 53 -31.12 27.72 27.10
CA THR C 53 -31.18 28.10 28.49
C THR C 53 -32.62 28.39 28.88
N ASP C 54 -32.82 28.78 30.14
CA ASP C 54 -34.17 29.08 30.60
C ASP C 54 -34.69 30.38 29.97
N ARG C 55 -33.79 31.33 29.67
CA ARG C 55 -34.19 32.52 28.95
C ARG C 55 -34.68 32.18 27.53
N GLY C 56 -34.20 31.08 26.96
CA GLY C 56 -34.46 30.75 25.58
C GLY C 56 -33.27 30.94 24.65
N VAL C 57 -32.16 31.47 25.16
CA VAL C 57 -30.92 31.59 24.39
C VAL C 57 -30.23 30.23 24.35
N LYS C 58 -29.25 30.07 23.48
CA LYS C 58 -28.54 28.81 23.30
C LYS C 58 -27.06 28.99 23.65
N GLU C 59 -26.53 28.07 24.45
CA GLU C 59 -25.11 28.04 24.80
C GLU C 59 -24.49 26.76 24.27
N GLN C 60 -23.35 26.89 23.61
CA GLN C 60 -22.66 25.74 23.02
C GLN C 60 -21.74 25.12 24.06
N LEU C 61 -21.96 23.83 24.34
CA LEU C 61 -21.29 23.13 25.41
C LEU C 61 -20.34 22.09 24.82
N HIS C 62 -19.10 22.08 25.30
CA HIS C 62 -18.11 21.08 24.94
C HIS C 62 -18.15 20.00 26.03
N LEU C 63 -18.88 18.92 25.78
CA LEU C 63 -19.09 17.87 26.77
C LEU C 63 -17.97 16.85 26.64
N TYR C 64 -17.04 16.87 27.58
CA TYR C 64 -15.88 15.97 27.57
C TYR C 64 -16.24 14.69 28.32
N ASP C 65 -16.44 13.60 27.58
CA ASP C 65 -16.66 12.30 28.19
C ASP C 65 -15.35 11.76 28.74
N THR C 66 -15.41 11.13 29.91
CA THR C 66 -14.23 10.69 30.63
C THR C 66 -14.19 9.16 30.71
N ARG C 67 -13.00 8.63 30.93
CA ARG C 67 -12.86 7.23 31.26
C ARG C 67 -13.42 6.97 32.66
N GLY C 68 -14.12 5.85 32.80
CA GLY C 68 -14.73 5.53 34.09
C GLY C 68 -13.68 5.47 35.19
N LEU C 69 -14.03 6.06 36.34
CA LEU C 69 -13.15 6.04 37.50
C LEU C 69 -13.27 4.70 38.22
N GLN C 70 -12.19 4.33 38.91
CA GLN C 70 -12.09 3.02 39.54
C GLN C 70 -11.13 3.13 40.72
N GLU C 71 -11.23 2.14 41.62
CA GLU C 71 -10.22 1.99 42.67
C GLU C 71 -8.84 2.01 42.04
N GLY C 72 -8.04 3.02 42.40
CA GLY C 72 -6.72 3.18 41.84
C GLY C 72 -6.68 3.95 40.53
N VAL C 73 -7.82 4.32 39.98
CA VAL C 73 -7.91 5.09 38.74
C VAL C 73 -8.63 6.38 39.07
N GLU C 74 -7.88 7.48 39.16
CA GLU C 74 -8.44 8.77 39.53
C GLU C 74 -8.61 9.66 38.30
N LEU C 75 -9.42 10.70 38.48
CA LEU C 75 -9.60 11.68 37.42
C LEU C 75 -8.29 12.41 37.17
N PRO C 76 -7.91 12.63 35.91
CA PRO C 76 -6.72 13.44 35.65
C PRO C 76 -6.88 14.83 36.25
N LYS C 77 -5.81 15.33 36.85
CA LYS C 77 -5.90 16.58 37.59
C LYS C 77 -5.97 17.81 36.68
N HIS C 78 -5.68 17.67 35.39
CA HIS C 78 -5.77 18.82 34.51
C HIS C 78 -7.19 19.09 34.03
N TYR C 79 -8.12 18.14 34.20
CA TYR C 79 -9.53 18.47 33.98
C TYR C 79 -9.99 19.52 34.97
N PHE C 80 -9.61 19.37 36.24
CA PHE C 80 -9.92 20.38 37.23
C PHE C 80 -9.40 21.75 36.81
N SER C 81 -8.30 21.79 36.06
CA SER C 81 -7.63 23.04 35.75
C SER C 81 -8.22 23.76 34.54
N PHE C 82 -9.14 23.14 33.80
CA PHE C 82 -9.78 23.81 32.68
C PHE C 82 -11.30 23.69 32.65
N ALA C 83 -11.89 22.76 33.40
CA ALA C 83 -13.32 22.51 33.26
C ALA C 83 -14.12 23.73 33.73
N ASP C 84 -15.04 24.18 32.89
CA ASP C 84 -15.99 25.21 33.30
C ASP C 84 -17.09 24.64 34.18
N GLY C 85 -17.48 23.38 33.96
CA GLY C 85 -18.52 22.75 34.73
C GLY C 85 -18.32 21.25 34.79
N PHE C 86 -19.03 20.61 35.71
CA PHE C 86 -18.92 19.19 35.94
C PHE C 86 -20.29 18.54 35.97
N VAL C 87 -20.42 17.40 35.32
CA VAL C 87 -21.57 16.52 35.47
C VAL C 87 -21.08 15.29 36.21
N LEU C 88 -21.47 15.15 37.46
CA LEU C 88 -21.08 14.02 38.31
C LEU C 88 -22.19 12.98 38.26
N VAL C 89 -21.82 11.73 38.02
CA VAL C 89 -22.78 10.67 37.76
C VAL C 89 -22.53 9.51 38.70
N TYR C 90 -23.60 9.05 39.35
CA TYR C 90 -23.60 7.77 40.06
C TYR C 90 -24.78 6.94 39.55
N SER C 91 -24.76 5.66 39.90
CA SER C 91 -25.89 4.77 39.66
C SER C 91 -26.55 4.48 41.00
N VAL C 92 -27.87 4.67 41.06
CA VAL C 92 -28.57 4.47 42.32
C VAL C 92 -28.48 3.03 42.79
N ASN C 93 -28.14 2.11 41.90
CA ASN C 93 -27.98 0.70 42.27
C ASN C 93 -26.57 0.39 42.77
N ASN C 94 -25.68 1.37 42.80
CA ASN C 94 -24.29 1.17 43.20
C ASN C 94 -23.93 2.23 44.23
N LEU C 95 -23.78 1.81 45.48
CA LEU C 95 -23.43 2.76 46.53
C LEU C 95 -22.05 3.37 46.30
N GLU C 96 -21.09 2.55 45.85
CA GLU C 96 -19.74 3.08 45.63
C GLU C 96 -19.73 4.17 44.56
N SER C 97 -20.61 4.08 43.57
CA SER C 97 -20.67 5.12 42.55
C SER C 97 -21.06 6.45 43.17
N PHE C 98 -22.03 6.44 44.09
CA PHE C 98 -22.36 7.66 44.82
C PHE C 98 -21.21 8.10 45.72
N GLN C 99 -20.57 7.16 46.41
CA GLN C 99 -19.44 7.52 47.27
C GLN C 99 -18.35 8.23 46.48
N ARG C 100 -18.17 7.87 45.21
CA ARG C 100 -17.15 8.53 44.40
C ARG C 100 -17.60 9.91 43.94
N VAL C 101 -18.90 10.13 43.78
CA VAL C 101 -19.40 11.47 43.48
C VAL C 101 -19.00 12.43 44.60
N GLU C 102 -19.07 11.97 45.85
CA GLU C 102 -18.71 12.83 46.97
C GLU C 102 -17.23 13.20 46.92
N LEU C 103 -16.34 12.21 46.82
CA LEU C 103 -14.91 12.50 46.86
C LEU C 103 -14.48 13.37 45.68
N LEU C 104 -15.08 13.13 44.51
CA LEU C 104 -14.80 14.01 43.37
C LEU C 104 -15.23 15.44 43.68
N LYS C 105 -16.39 15.60 44.33
CA LYS C 105 -16.88 16.94 44.65
C LYS C 105 -15.89 17.68 45.54
N LYS C 106 -15.40 17.01 46.59
CA LYS C 106 -14.43 17.65 47.47
C LYS C 106 -13.18 18.03 46.71
N GLU C 107 -12.76 17.19 45.77
CA GLU C 107 -11.68 17.60 44.88
C GLU C 107 -12.05 18.92 44.21
N ILE C 108 -13.15 18.92 43.47
CA ILE C 108 -13.51 20.08 42.65
C ILE C 108 -13.36 21.37 43.44
N ASP C 109 -13.78 21.37 44.71
CA ASP C 109 -13.64 22.58 45.52
C ASP C 109 -12.18 22.93 45.75
N LYS C 110 -11.34 21.94 46.06
CA LYS C 110 -9.94 22.22 46.35
C LYS C 110 -9.22 22.73 45.10
N PHE C 111 -9.37 22.04 43.98
CA PHE C 111 -8.59 22.37 42.80
C PHE C 111 -9.28 23.53 42.07
N LYS C 112 -9.51 24.64 42.80
CA LYS C 112 -10.31 25.77 42.28
C LYS C 112 -11.69 25.31 41.80
N GLU C 116 -15.57 30.11 39.94
CA GLU C 116 -16.90 29.51 40.10
C GLU C 116 -17.15 28.52 38.97
N VAL C 117 -17.74 27.37 39.32
CA VAL C 117 -18.03 26.33 38.36
C VAL C 117 -19.45 25.84 38.59
N ALA C 118 -19.99 25.17 37.57
CA ALA C 118 -21.33 24.60 37.60
C ALA C 118 -21.24 23.09 37.73
N ILE C 119 -21.92 22.53 38.73
CA ILE C 119 -21.89 21.09 38.99
C ILE C 119 -23.33 20.57 39.00
N VAL C 120 -23.58 19.54 38.20
CA VAL C 120 -24.86 18.84 38.18
C VAL C 120 -24.60 17.37 38.53
N VAL C 121 -25.31 16.85 39.52
CA VAL C 121 -25.19 15.46 39.94
C VAL C 121 -26.38 14.69 39.39
N LEU C 122 -26.11 13.57 38.73
CA LEU C 122 -27.14 12.75 38.11
C LEU C 122 -27.15 11.36 38.75
N GLY C 123 -28.34 10.91 39.13
CA GLY C 123 -28.51 9.55 39.62
C GLY C 123 -29.19 8.66 38.60
N ASN C 124 -28.41 7.80 37.97
CA ASN C 124 -28.87 7.04 36.82
C ASN C 124 -29.34 5.65 37.23
N LYS C 125 -30.10 5.03 36.32
CA LYS C 125 -30.59 3.67 36.50
C LYS C 125 -31.57 3.56 37.68
N ILE C 126 -32.51 4.50 37.72
CA ILE C 126 -33.60 4.40 38.70
C ILE C 126 -34.69 3.45 38.26
N ASP C 127 -34.70 3.02 36.98
CA ASP C 127 -35.60 1.95 36.57
C ASP C 127 -35.33 0.66 37.33
N LEU C 128 -34.12 0.49 37.87
CA LEU C 128 -33.80 -0.61 38.76
C LEU C 128 -34.07 -0.22 40.22
N SER C 129 -35.29 0.29 40.46
CA SER C 129 -35.64 0.80 41.78
C SER C 129 -35.56 -0.29 42.84
N GLU C 130 -36.05 -1.50 42.50
CA GLU C 130 -36.02 -2.65 43.40
C GLU C 130 -34.60 -3.12 43.64
N GLN C 131 -33.66 -2.69 42.80
CA GLN C 131 -32.25 -3.01 42.91
C GLN C 131 -31.44 -1.82 43.42
N ARG C 132 -32.10 -0.89 44.13
CA ARG C 132 -31.43 0.33 44.57
C ARG C 132 -30.47 0.04 45.71
N GLN C 133 -29.36 0.79 45.73
CA GLN C 133 -28.43 0.80 46.85
C GLN C 133 -28.14 2.21 47.35
N VAL C 134 -28.67 3.24 46.71
CA VAL C 134 -28.51 4.63 47.11
C VAL C 134 -29.90 5.16 47.45
N ASP C 135 -30.19 5.31 48.74
CA ASP C 135 -31.47 5.86 49.15
C ASP C 135 -31.64 7.27 48.58
N ALA C 136 -32.86 7.57 48.14
CA ALA C 136 -33.13 8.90 47.63
C ALA C 136 -32.93 9.95 48.71
N GLU C 137 -33.42 9.68 49.93
CA GLU C 137 -33.34 10.68 50.99
C GLU C 137 -31.89 11.04 51.30
N VAL C 138 -31.01 10.04 51.42
CA VAL C 138 -29.62 10.34 51.74
C VAL C 138 -28.95 11.09 50.60
N ALA C 139 -29.27 10.73 49.35
CA ALA C 139 -28.72 11.46 48.21
C ALA C 139 -29.26 12.89 48.16
N GLN C 140 -30.56 13.08 48.39
CA GLN C 140 -31.11 14.42 48.41
C GLN C 140 -30.49 15.26 49.52
N GLN C 141 -30.29 14.65 50.69
CA GLN C 141 -29.69 15.38 51.80
C GLN C 141 -28.25 15.77 51.50
N TRP C 142 -27.49 14.88 50.84
CA TRP C 142 -26.14 15.24 50.46
C TRP C 142 -26.14 16.39 49.45
N ALA C 143 -27.08 16.38 48.51
CA ALA C 143 -27.18 17.47 47.55
C ALA C 143 -27.45 18.79 48.26
N LYS C 144 -28.37 18.79 49.22
CA LYS C 144 -28.65 20.01 49.98
C LYS C 144 -27.44 20.43 50.80
N SER C 145 -26.67 19.47 51.32
CA SER C 145 -25.53 19.79 52.17
C SER C 145 -24.40 20.43 51.35
N GLU C 146 -24.07 19.84 50.21
CA GLU C 146 -23.05 20.40 49.34
C GLU C 146 -23.58 21.53 48.46
N LYS C 147 -24.88 21.82 48.54
CA LYS C 147 -25.47 22.96 47.85
C LYS C 147 -25.32 22.84 46.33
N VAL C 148 -25.48 21.62 45.83
CA VAL C 148 -25.54 21.37 44.40
C VAL C 148 -26.95 20.90 44.05
N ARG C 149 -27.21 20.77 42.75
CA ARG C 149 -28.49 20.28 42.26
C ARG C 149 -28.34 18.84 41.78
N LEU C 150 -29.20 17.96 42.27
CA LEU C 150 -29.08 16.53 42.05
C LEU C 150 -30.41 15.98 41.55
N TRP C 151 -30.39 15.35 40.38
CA TRP C 151 -31.56 14.70 39.80
C TRP C 151 -31.36 13.19 39.78
N GLU C 152 -32.40 12.45 40.13
CA GLU C 152 -32.42 11.00 39.93
C GLU C 152 -33.06 10.74 38.56
N VAL C 153 -32.24 10.33 37.59
CA VAL C 153 -32.66 10.24 36.20
C VAL C 153 -32.44 8.82 35.69
N THR C 154 -32.84 8.55 34.45
CA THR C 154 -32.61 7.26 33.82
C THR C 154 -32.44 7.47 32.32
N VAL C 155 -31.65 6.60 31.70
CA VAL C 155 -31.39 6.75 30.27
C VAL C 155 -32.53 6.17 29.44
N THR C 156 -33.27 5.20 29.98
CA THR C 156 -34.38 4.63 29.26
C THR C 156 -35.54 5.61 29.10
N ASP C 157 -35.51 6.75 29.80
CA ASP C 157 -36.52 7.80 29.67
C ASP C 157 -35.77 9.11 29.48
N ARG C 158 -35.68 9.58 28.23
CA ARG C 158 -34.87 10.75 27.93
C ARG C 158 -35.38 11.99 28.67
N LYS C 159 -36.68 12.10 28.90
CA LYS C 159 -37.23 13.29 29.53
C LYS C 159 -36.59 13.53 30.90
N THR C 160 -36.09 12.49 31.55
CA THR C 160 -35.42 12.67 32.83
C THR C 160 -34.15 13.50 32.65
N LEU C 161 -33.46 13.33 31.52
CA LEU C 161 -32.14 13.93 31.33
C LEU C 161 -32.19 15.42 31.02
N ILE C 162 -33.26 15.91 30.40
CA ILE C 162 -33.27 17.28 29.90
C ILE C 162 -33.10 18.28 31.04
N GLU C 163 -33.91 18.14 32.09
CA GLU C 163 -33.93 19.14 33.15
C GLU C 163 -32.55 19.42 33.73
N PRO C 164 -31.76 18.42 34.13
CA PRO C 164 -30.43 18.76 34.68
C PRO C 164 -29.53 19.52 33.73
N PHE C 165 -29.58 19.20 32.43
CA PHE C 165 -28.67 19.82 31.48
C PHE C 165 -29.07 21.24 31.11
N THR C 166 -30.37 21.55 31.06
CA THR C 166 -30.75 22.93 30.81
C THR C 166 -30.35 23.82 31.99
N LEU C 167 -30.38 23.28 33.21
CA LEU C 167 -29.92 24.04 34.37
C LEU C 167 -28.43 24.32 34.27
N LEU C 168 -27.65 23.32 33.86
CA LEU C 168 -26.21 23.53 33.69
C LEU C 168 -25.94 24.62 32.66
N ALA C 169 -26.65 24.58 31.53
CA ALA C 169 -26.43 25.58 30.49
C ALA C 169 -26.79 26.97 30.96
N SER C 170 -27.86 27.10 31.76
CA SER C 170 -28.26 28.41 32.25
C SER C 170 -27.16 29.02 33.13
N LYS C 171 -26.49 28.20 33.93
CA LYS C 171 -25.39 28.71 34.75
C LYS C 171 -24.27 29.26 33.86
N LEU C 172 -23.80 28.47 32.91
CA LEU C 172 -22.66 28.84 32.09
C LEU C 172 -23.02 29.90 31.06
N LYS D 10 15.99 -24.37 -28.17
CA LYS D 10 16.77 -24.83 -29.31
C LYS D 10 18.25 -24.88 -28.99
N VAL D 11 18.91 -23.72 -28.99
CA VAL D 11 20.36 -23.63 -28.86
C VAL D 11 20.72 -23.25 -27.43
N VAL D 12 21.71 -23.94 -26.86
CA VAL D 12 22.20 -23.67 -25.52
C VAL D 12 23.63 -23.14 -25.63
N VAL D 13 23.86 -21.95 -25.09
CA VAL D 13 25.17 -21.33 -25.06
C VAL D 13 25.74 -21.56 -23.66
N CYS D 14 26.78 -22.38 -23.56
CA CYS D 14 27.35 -22.74 -22.27
C CYS D 14 28.87 -22.72 -22.37
N GLY D 15 29.51 -22.74 -21.21
CA GLY D 15 30.95 -22.70 -21.13
C GLY D 15 31.39 -22.20 -19.77
N LEU D 16 32.70 -22.18 -19.58
CA LEU D 16 33.25 -21.73 -18.31
C LEU D 16 32.83 -20.27 -18.05
N LEU D 17 33.07 -19.81 -16.83
CA LEU D 17 32.68 -18.47 -16.43
C LEU D 17 33.60 -17.40 -17.04
N SER D 18 32.98 -16.33 -17.53
CA SER D 18 33.64 -15.14 -18.06
C SER D 18 34.33 -15.36 -19.40
N VAL D 19 34.08 -16.50 -20.06
CA VAL D 19 34.66 -16.70 -21.40
C VAL D 19 34.08 -15.72 -22.39
N GLY D 20 32.92 -15.14 -22.08
CA GLY D 20 32.27 -14.17 -22.93
C GLY D 20 30.96 -14.63 -23.56
N LYS D 21 30.27 -15.62 -22.98
CA LYS D 21 29.06 -16.12 -23.59
C LYS D 21 28.02 -15.01 -23.76
N THR D 22 27.72 -14.30 -22.68
CA THR D 22 26.72 -13.24 -22.76
C THR D 22 27.19 -12.09 -23.63
N ALA D 23 28.49 -11.79 -23.61
CA ALA D 23 29.02 -10.71 -24.44
C ALA D 23 28.82 -11.01 -25.92
N ILE D 24 29.06 -12.25 -26.35
CA ILE D 24 28.93 -12.59 -27.76
C ILE D 24 27.49 -12.40 -28.22
N LEU D 25 26.52 -12.84 -27.40
CA LEU D 25 25.12 -12.69 -27.78
C LEU D 25 24.73 -11.22 -27.91
N GLU D 26 25.18 -10.39 -26.97
CA GLU D 26 24.84 -8.97 -27.02
C GLU D 26 25.50 -8.30 -28.22
N GLN D 27 26.73 -8.69 -28.56
CA GLN D 27 27.39 -8.13 -29.74
C GLN D 27 26.71 -8.60 -31.03
N LEU D 28 26.40 -9.89 -31.12
CA LEU D 28 25.84 -10.43 -32.35
C LEU D 28 24.45 -9.84 -32.63
N LEU D 29 23.66 -9.63 -31.58
CA LEU D 29 22.30 -9.14 -31.74
C LEU D 29 22.20 -7.63 -31.65
N TYR D 30 22.99 -7.00 -30.77
CA TYR D 30 22.91 -5.58 -30.52
C TYR D 30 24.18 -4.82 -30.88
N GLY D 31 25.34 -5.47 -30.86
CA GLY D 31 26.58 -4.82 -31.23
C GLY D 31 26.93 -3.64 -30.34
N ASN D 32 26.76 -3.80 -29.02
CA ASN D 32 27.00 -2.69 -28.10
C ASN D 32 27.71 -3.15 -26.82
N HIS D 33 28.28 -4.35 -26.81
CA HIS D 33 28.91 -4.82 -25.59
C HIS D 33 30.04 -3.89 -25.18
N THR D 34 30.06 -3.53 -23.90
CA THR D 34 31.10 -2.69 -23.33
C THR D 34 32.11 -3.58 -22.62
N ILE D 35 33.34 -3.61 -23.12
CA ILE D 35 34.35 -4.55 -22.65
C ILE D 35 34.90 -4.07 -21.32
N GLY D 36 34.75 -4.90 -20.29
CA GLY D 36 35.26 -4.59 -18.97
C GLY D 36 34.26 -4.80 -17.86
N MET D 37 33.01 -5.10 -18.22
CA MET D 37 31.98 -5.31 -17.21
C MET D 37 32.37 -6.45 -16.28
N GLU D 38 32.06 -6.29 -14.99
CA GLU D 38 32.52 -7.22 -13.97
C GLU D 38 31.41 -7.85 -13.15
N ASP D 39 30.40 -7.11 -12.74
CA ASP D 39 29.34 -7.64 -11.89
C ASP D 39 28.11 -8.01 -12.72
N CYS D 40 28.34 -8.90 -13.69
CA CYS D 40 27.32 -9.26 -14.67
C CYS D 40 27.23 -10.77 -14.87
N GLU D 41 27.59 -11.55 -13.86
CA GLU D 41 27.50 -13.01 -13.97
C GLU D 41 26.06 -13.39 -14.33
N THR D 42 25.93 -14.32 -15.28
CA THR D 42 24.62 -14.71 -15.78
C THR D 42 24.05 -15.85 -14.97
N MET D 43 22.74 -15.77 -14.71
CA MET D 43 21.99 -16.93 -14.16
C MET D 43 21.37 -17.69 -15.33
N GLU D 44 20.31 -17.15 -15.91
CA GLU D 44 19.69 -17.70 -17.10
C GLU D 44 19.10 -16.54 -17.90
N ASP D 45 18.98 -16.74 -19.22
CA ASP D 45 18.26 -15.80 -20.07
C ASP D 45 18.15 -16.41 -21.47
N VAL D 46 17.18 -15.91 -22.24
CA VAL D 46 16.96 -16.36 -23.60
C VAL D 46 16.85 -15.15 -24.51
N TYR D 47 17.59 -15.18 -25.62
CA TYR D 47 17.54 -14.15 -26.66
C TYR D 47 16.89 -14.77 -27.89
N MET D 48 15.94 -14.05 -28.47
CA MET D 48 15.22 -14.50 -29.66
C MET D 48 15.89 -13.89 -30.89
N ALA D 49 16.59 -14.72 -31.65
CA ALA D 49 17.34 -14.28 -32.82
C ALA D 49 16.79 -14.95 -34.06
N SER D 50 16.80 -14.21 -35.17
CA SER D 50 16.46 -14.75 -36.48
C SER D 50 17.70 -14.68 -37.36
N VAL D 51 18.04 -15.80 -37.99
CA VAL D 51 19.29 -15.96 -38.71
C VAL D 51 19.01 -16.44 -40.12
N GLU D 52 19.76 -15.92 -41.08
CA GLU D 52 19.62 -16.31 -42.47
C GLU D 52 20.53 -17.49 -42.78
N THR D 53 20.01 -18.43 -43.55
CA THR D 53 20.73 -19.66 -43.89
C THR D 53 20.92 -19.79 -45.39
N GLN D 60 13.33 -17.51 -35.02
CA GLN D 60 13.85 -18.69 -35.72
C GLN D 60 14.77 -19.51 -34.81
N LEU D 61 15.48 -18.84 -33.91
CA LEU D 61 16.37 -19.50 -32.96
C LEU D 61 16.13 -18.98 -31.55
N HIS D 62 16.11 -19.91 -30.60
CA HIS D 62 16.00 -19.58 -29.17
C HIS D 62 17.37 -19.84 -28.54
N LEU D 63 18.09 -18.76 -28.24
CA LEU D 63 19.45 -18.84 -27.71
C LEU D 63 19.39 -18.73 -26.19
N TYR D 64 19.67 -19.84 -25.51
CA TYR D 64 19.63 -19.90 -24.06
C TYR D 64 21.01 -19.60 -23.49
N ASP D 65 21.09 -18.55 -22.67
CA ASP D 65 22.34 -18.19 -22.00
C ASP D 65 22.39 -18.85 -20.63
N THR D 66 23.48 -19.56 -20.36
CA THR D 66 23.64 -20.33 -19.15
C THR D 66 24.61 -19.65 -18.19
N ARG D 67 24.55 -20.06 -16.93
CA ARG D 67 25.53 -19.59 -15.96
C ARG D 67 26.92 -20.11 -16.32
N GLY D 68 27.94 -19.34 -15.95
CA GLY D 68 29.31 -19.75 -16.15
C GLY D 68 29.68 -21.02 -15.41
N LEU D 69 30.23 -21.99 -16.13
CA LEU D 69 30.62 -23.24 -15.49
C LEU D 69 31.87 -23.00 -14.62
N GLN D 70 32.02 -23.87 -13.62
CA GLN D 70 33.07 -23.72 -12.62
C GLN D 70 33.40 -25.10 -12.08
N GLU D 71 34.57 -25.21 -11.42
CA GLU D 71 35.03 -26.52 -10.99
C GLU D 71 34.02 -27.20 -10.08
N GLY D 72 33.20 -26.42 -9.37
CA GLY D 72 32.19 -26.99 -8.50
C GLY D 72 30.79 -26.96 -9.08
N VAL D 73 30.62 -26.31 -10.23
CA VAL D 73 29.31 -26.09 -10.84
C VAL D 73 29.25 -26.87 -12.14
N GLU D 74 28.26 -27.75 -12.26
CA GLU D 74 28.06 -28.56 -13.46
C GLU D 74 26.83 -28.08 -14.22
N LEU D 75 26.91 -28.18 -15.54
CA LEU D 75 25.81 -27.79 -16.40
C LEU D 75 24.58 -28.62 -16.07
N PRO D 76 23.42 -28.01 -15.80
CA PRO D 76 22.24 -28.79 -15.45
C PRO D 76 21.95 -29.89 -16.46
N LYS D 77 21.63 -31.08 -15.96
CA LYS D 77 21.46 -32.24 -16.82
C LYS D 77 20.18 -32.16 -17.65
N HIS D 78 19.24 -31.31 -17.28
CA HIS D 78 18.03 -31.15 -18.08
C HIS D 78 18.26 -30.28 -19.31
N TYR D 79 19.37 -29.56 -19.38
CA TYR D 79 19.67 -28.80 -20.59
C TYR D 79 19.95 -29.73 -21.76
N PHE D 80 20.62 -30.87 -21.51
CA PHE D 80 20.90 -31.82 -22.58
C PHE D 80 19.63 -32.38 -23.17
N SER D 81 18.58 -32.58 -22.36
CA SER D 81 17.41 -33.31 -22.81
C SER D 81 16.65 -32.58 -23.91
N PHE D 82 16.71 -31.24 -23.93
CA PHE D 82 15.89 -30.47 -24.86
C PHE D 82 16.69 -29.76 -25.95
N ALA D 83 17.97 -29.48 -25.72
CA ALA D 83 18.71 -28.62 -26.63
C ALA D 83 18.67 -29.16 -28.06
N ASP D 84 18.30 -28.30 -29.01
CA ASP D 84 18.44 -28.63 -30.43
C ASP D 84 19.89 -28.50 -30.89
N GLY D 85 20.67 -27.63 -30.24
CA GLY D 85 22.07 -27.44 -30.58
C GLY D 85 22.79 -26.78 -29.43
N PHE D 86 24.12 -26.81 -29.51
CA PHE D 86 24.97 -26.24 -28.48
C PHE D 86 26.00 -25.32 -29.10
N VAL D 87 26.20 -24.16 -28.47
CA VAL D 87 27.29 -23.27 -28.84
C VAL D 87 28.29 -23.25 -27.68
N LEU D 88 29.25 -24.16 -27.70
CA LEU D 88 30.26 -24.22 -26.64
C LEU D 88 31.25 -23.08 -26.81
N VAL D 89 31.50 -22.34 -25.73
CA VAL D 89 32.36 -21.17 -25.77
C VAL D 89 33.48 -21.35 -24.75
N TYR D 90 34.72 -21.16 -25.22
CA TYR D 90 35.87 -21.01 -24.34
C TYR D 90 36.62 -19.75 -24.77
N SER D 91 37.70 -19.44 -24.04
CA SER D 91 38.56 -18.32 -24.36
C SER D 91 39.95 -18.85 -24.68
N VAL D 92 40.51 -18.41 -25.81
CA VAL D 92 41.83 -18.85 -26.21
C VAL D 92 42.85 -18.54 -25.14
N ASN D 93 42.59 -17.55 -24.28
CA ASN D 93 43.48 -17.17 -23.20
C ASN D 93 43.17 -17.89 -21.89
N ASN D 94 42.56 -19.06 -21.95
CA ASN D 94 42.24 -19.81 -20.74
C ASN D 94 42.13 -21.28 -21.09
N LEU D 95 43.13 -22.08 -20.66
CA LEU D 95 43.11 -23.50 -20.95
C LEU D 95 41.95 -24.21 -20.26
N GLU D 96 41.70 -23.87 -18.98
CA GLU D 96 40.63 -24.54 -18.25
C GLU D 96 39.29 -24.39 -18.97
N SER D 97 39.06 -23.23 -19.59
CA SER D 97 37.85 -23.08 -20.39
C SER D 97 37.85 -24.07 -21.56
N PHE D 98 38.99 -24.21 -22.23
CA PHE D 98 39.07 -25.14 -23.35
C PHE D 98 38.81 -26.57 -22.90
N GLN D 99 39.36 -26.95 -21.75
CA GLN D 99 39.12 -28.31 -21.25
C GLN D 99 37.65 -28.53 -20.98
N ARG D 100 36.95 -27.51 -20.46
CA ARG D 100 35.51 -27.65 -20.25
C ARG D 100 34.80 -27.97 -21.55
N VAL D 101 35.25 -27.40 -22.67
CA VAL D 101 34.65 -27.72 -23.96
C VAL D 101 34.86 -29.20 -24.28
N GLU D 102 36.09 -29.69 -24.08
CA GLU D 102 36.37 -31.09 -24.31
C GLU D 102 35.46 -31.96 -23.45
N LEU D 103 35.40 -31.68 -22.16
CA LEU D 103 34.53 -32.46 -21.27
C LEU D 103 33.07 -32.24 -21.61
N LEU D 104 32.68 -30.99 -21.88
CA LEU D 104 31.30 -30.72 -22.27
C LEU D 104 30.92 -31.51 -23.51
N LYS D 105 31.80 -31.52 -24.52
CA LYS D 105 31.50 -32.20 -25.77
C LYS D 105 31.25 -33.69 -25.54
N LYS D 106 32.08 -34.32 -24.71
CA LYS D 106 31.84 -35.73 -24.40
C LYS D 106 30.51 -35.91 -23.68
N GLU D 107 30.16 -34.98 -22.79
CA GLU D 107 28.90 -35.10 -22.05
C GLU D 107 27.71 -34.98 -22.99
N ILE D 108 27.80 -34.14 -24.02
CA ILE D 108 26.69 -33.99 -24.96
C ILE D 108 26.41 -35.31 -25.65
N ASP D 109 27.45 -35.97 -26.17
CA ASP D 109 27.26 -37.24 -26.85
C ASP D 109 26.58 -38.26 -25.95
N LYS D 110 26.84 -38.20 -24.64
CA LYS D 110 26.31 -39.17 -23.71
C LYS D 110 24.87 -38.88 -23.29
N PHE D 111 24.38 -37.66 -23.50
CA PHE D 111 23.07 -37.25 -22.99
C PHE D 111 22.11 -36.91 -24.14
N VAL D 117 22.03 -33.44 -33.06
CA VAL D 117 22.70 -32.46 -32.22
C VAL D 117 23.67 -31.63 -33.03
N ALA D 118 23.37 -30.33 -33.17
CA ALA D 118 24.24 -29.40 -33.87
C ALA D 118 25.13 -28.72 -32.84
N ILE D 119 26.45 -28.80 -33.05
CA ILE D 119 27.42 -28.27 -32.10
C ILE D 119 28.43 -27.41 -32.84
N VAL D 120 28.59 -26.17 -32.39
CA VAL D 120 29.64 -25.28 -32.84
C VAL D 120 30.42 -24.81 -31.61
N VAL D 121 31.72 -24.58 -31.80
CA VAL D 121 32.63 -24.22 -30.72
C VAL D 121 33.29 -22.89 -31.05
N LEU D 122 33.33 -21.99 -30.08
CA LEU D 122 33.91 -20.66 -30.27
C LEU D 122 35.04 -20.45 -29.26
N GLY D 123 36.25 -20.19 -29.77
CA GLY D 123 37.34 -19.77 -28.94
C GLY D 123 37.45 -18.26 -28.89
N ASN D 124 36.93 -17.64 -27.84
CA ASN D 124 36.80 -16.19 -27.78
C ASN D 124 38.09 -15.55 -27.27
N LYS D 125 38.13 -14.23 -27.33
CA LYS D 125 39.22 -13.43 -26.77
C LYS D 125 40.55 -13.68 -27.48
N ILE D 126 40.51 -13.71 -28.83
CA ILE D 126 41.76 -13.76 -29.58
C ILE D 126 42.40 -12.39 -29.74
N ASP D 127 41.68 -11.31 -29.40
CA ASP D 127 42.31 -10.00 -29.39
C ASP D 127 43.38 -9.89 -28.32
N LEU D 128 43.34 -10.73 -27.29
CA LEU D 128 44.39 -10.80 -26.28
C LEU D 128 45.48 -11.77 -26.75
N SER D 129 46.23 -11.31 -27.75
CA SER D 129 47.22 -12.17 -28.39
C SER D 129 48.29 -12.60 -27.41
N GLU D 130 48.88 -11.64 -26.68
CA GLU D 130 49.98 -11.96 -25.79
C GLU D 130 49.56 -12.81 -24.61
N GLN D 131 48.25 -12.95 -24.35
CA GLN D 131 47.74 -13.76 -23.25
C GLN D 131 47.21 -15.11 -23.73
N ARG D 132 47.49 -15.50 -24.97
CA ARG D 132 46.94 -16.74 -25.49
C ARG D 132 47.44 -17.94 -24.70
N GLN D 133 46.57 -18.94 -24.55
CA GLN D 133 46.93 -20.20 -23.92
C GLN D 133 46.49 -21.43 -24.71
N VAL D 134 45.58 -21.29 -25.67
CA VAL D 134 45.06 -22.40 -26.47
C VAL D 134 45.54 -22.18 -27.90
N ASP D 135 46.57 -22.93 -28.31
CA ASP D 135 47.09 -22.80 -29.66
C ASP D 135 46.03 -23.24 -30.67
N ALA D 136 45.97 -22.53 -31.79
CA ALA D 136 44.89 -22.76 -32.75
C ALA D 136 44.93 -24.17 -33.30
N GLU D 137 46.12 -24.71 -33.54
CA GLU D 137 46.21 -26.06 -34.10
C GLU D 137 45.75 -27.12 -33.12
N VAL D 138 45.98 -26.91 -31.82
CA VAL D 138 45.46 -27.85 -30.82
C VAL D 138 43.94 -27.87 -30.89
N ALA D 139 43.32 -26.70 -30.98
CA ALA D 139 41.86 -26.63 -31.00
C ALA D 139 41.30 -27.33 -32.23
N GLN D 140 41.90 -27.10 -33.41
CA GLN D 140 41.45 -27.80 -34.60
C GLN D 140 41.70 -29.29 -34.51
N GLN D 141 42.77 -29.70 -33.83
CA GLN D 141 43.05 -31.12 -33.65
C GLN D 141 41.96 -31.78 -32.81
N TRP D 142 41.61 -31.18 -31.68
CA TRP D 142 40.53 -31.71 -30.87
C TRP D 142 39.20 -31.63 -31.60
N ALA D 143 38.93 -30.51 -32.28
CA ALA D 143 37.69 -30.38 -33.04
C ALA D 143 37.62 -31.41 -34.16
N LYS D 144 38.75 -31.68 -34.83
CA LYS D 144 38.78 -32.72 -35.85
C LYS D 144 38.59 -34.10 -35.23
N SER D 145 39.30 -34.38 -34.13
CA SER D 145 39.12 -35.66 -33.46
C SER D 145 37.66 -35.87 -33.08
N GLU D 146 36.94 -34.79 -32.81
CA GLU D 146 35.51 -34.81 -32.52
C GLU D 146 34.73 -34.52 -33.81
N LYS D 147 33.43 -34.23 -33.66
CA LYS D 147 32.60 -33.90 -34.81
C LYS D 147 32.50 -32.41 -35.08
N VAL D 148 32.83 -31.57 -34.10
CA VAL D 148 32.51 -30.16 -34.17
C VAL D 148 33.48 -29.43 -35.08
N ARG D 149 33.06 -28.25 -35.53
CA ARG D 149 33.95 -27.28 -36.16
C ARG D 149 34.12 -26.10 -35.21
N LEU D 150 35.31 -25.49 -35.26
CA LEU D 150 35.72 -24.49 -34.28
C LEU D 150 36.16 -23.22 -34.99
N TRP D 151 35.57 -22.10 -34.59
CA TRP D 151 35.98 -20.77 -35.04
C TRP D 151 36.62 -20.05 -33.87
N GLU D 152 37.75 -19.40 -34.13
CA GLU D 152 38.37 -18.51 -33.14
C GLU D 152 37.86 -17.09 -33.40
N VAL D 153 37.29 -16.48 -32.37
CA VAL D 153 36.53 -15.24 -32.52
C VAL D 153 36.93 -14.27 -31.42
N THR D 154 36.57 -13.00 -31.62
CA THR D 154 36.73 -11.97 -30.60
C THR D 154 35.51 -11.07 -30.62
N VAL D 155 34.96 -10.80 -29.44
CA VAL D 155 33.84 -9.87 -29.33
C VAL D 155 34.24 -8.49 -29.83
N THR D 156 35.53 -8.16 -29.76
CA THR D 156 35.98 -6.85 -30.24
C THR D 156 35.63 -6.64 -31.71
N ASP D 157 35.60 -7.71 -32.50
CA ASP D 157 35.27 -7.65 -33.92
C ASP D 157 34.04 -8.51 -34.15
N ARG D 158 32.91 -7.87 -34.49
CA ARG D 158 31.65 -8.59 -34.58
C ARG D 158 31.60 -9.53 -35.78
N LYS D 159 32.34 -9.22 -36.85
CA LYS D 159 32.24 -10.03 -38.05
C LYS D 159 32.84 -11.42 -37.88
N THR D 160 33.54 -11.68 -36.76
CA THR D 160 34.03 -13.01 -36.47
C THR D 160 32.93 -13.94 -35.98
N LEU D 161 31.70 -13.44 -35.81
CA LEU D 161 30.63 -14.19 -35.17
C LEU D 161 29.54 -14.66 -36.11
N ILE D 162 29.41 -14.07 -37.29
CA ILE D 162 28.27 -14.38 -38.15
C ILE D 162 28.35 -15.82 -38.66
N GLU D 163 29.52 -16.23 -39.17
CA GLU D 163 29.63 -17.51 -39.84
C GLU D 163 29.29 -18.69 -38.94
N PRO D 164 29.87 -18.84 -37.74
CA PRO D 164 29.48 -19.97 -36.89
C PRO D 164 27.99 -20.04 -36.61
N PHE D 165 27.34 -18.90 -36.38
CA PHE D 165 25.92 -18.92 -36.09
C PHE D 165 25.10 -19.18 -37.35
N THR D 166 25.49 -18.59 -38.48
CA THR D 166 24.83 -18.92 -39.74
C THR D 166 24.92 -20.42 -40.01
N LEU D 167 26.08 -21.01 -39.75
CA LEU D 167 26.24 -22.45 -39.96
C LEU D 167 25.35 -23.24 -39.01
N LEU D 168 25.32 -22.85 -37.73
CA LEU D 168 24.51 -23.57 -36.76
C LEU D 168 23.03 -23.51 -37.14
N ALA D 169 22.57 -22.35 -37.59
CA ALA D 169 21.18 -22.25 -38.04
C ALA D 169 20.93 -23.12 -39.26
N SER D 170 21.90 -23.18 -40.19
CA SER D 170 21.73 -23.98 -41.39
C SER D 170 21.48 -25.45 -41.05
N LYS D 171 22.31 -26.01 -40.17
CA LYS D 171 22.11 -27.39 -39.73
C LYS D 171 20.75 -27.53 -39.06
N LEU D 172 20.37 -26.58 -38.23
CA LEU D 172 19.09 -26.62 -37.54
C LEU D 172 17.94 -26.27 -38.49
#